data_4G88
#
_entry.id   4G88
#
_cell.length_a   58.520
_cell.length_b   99.300
_cell.length_c   98.120
_cell.angle_alpha   90.000
_cell.angle_beta   105.950
_cell.angle_gamma   90.000
#
_symmetry.space_group_name_H-M   'P 1 21 1'
#
loop_
_entity.id
_entity.type
_entity.pdbx_description
1 polymer 'Outer membrane protein Omp38'
2 non-polymer '2,6-DIAMINOPIMELIC ACID'
3 non-polymer 'S,R MESO-TARTARIC ACID'
4 water water
#
_entity_poly.entity_id   1
_entity_poly.type   'polypeptide(L)'
_entity_poly.pdbx_seq_one_letter_code
;GSHMELTEDLNMELRVFFDTNKSNIKDQYKPEIAKVAEKLSEYPNATARIEGHTDNTGPRKLNERLSLARANSVKSALVN
EYNVDASRLSTQGFAWDQPIADNKTKEGRAMNRRVFATITGSR
;
_entity_poly.pdbx_strand_id   A,B,C,D,E,F,G,H
#
# COMPACT_ATOMS: atom_id res chain seq x y z
N SER A 2 43.55 2.33 1.62
CA SER A 2 42.85 2.35 0.30
C SER A 2 43.49 3.38 -0.63
N HIS A 3 43.97 2.92 -1.77
CA HIS A 3 44.60 3.80 -2.75
C HIS A 3 43.62 4.18 -3.86
N MET A 4 42.34 3.89 -3.67
CA MET A 4 41.35 4.24 -4.68
C MET A 4 39.96 4.54 -4.16
N GLU A 5 39.33 5.53 -4.78
CA GLU A 5 37.98 5.95 -4.43
C GLU A 5 37.13 5.62 -5.66
N LEU A 6 35.98 5.02 -5.45
CA LEU A 6 35.10 4.64 -6.54
C LEU A 6 33.65 5.02 -6.23
N THR A 7 33.02 5.74 -7.14
CA THR A 7 31.64 6.15 -6.95
C THR A 7 30.86 6.07 -8.25
N GLU A 8 29.63 5.58 -8.16
CA GLU A 8 28.73 5.52 -9.30
C GLU A 8 27.46 6.21 -8.80
N ASP A 9 27.01 7.22 -9.52
CA ASP A 9 25.81 7.96 -9.15
C ASP A 9 24.64 7.63 -10.05
N LEU A 10 23.53 7.26 -9.43
CA LEU A 10 22.32 6.90 -10.13
C LEU A 10 21.32 8.05 -10.13
N ASN A 11 20.73 8.32 -11.28
CA ASN A 11 19.72 9.35 -11.44
C ASN A 11 18.66 8.70 -12.31
N MET A 12 17.44 8.64 -11.80
CA MET A 12 16.38 7.99 -12.57
C MET A 12 15.08 8.73 -12.39
N GLU A 13 14.32 8.86 -13.46
CA GLU A 13 13.02 9.54 -13.41
C GLU A 13 11.93 8.64 -13.96
N LEU A 14 10.90 8.43 -13.15
CA LEU A 14 9.78 7.58 -13.49
C LEU A 14 8.51 8.40 -13.64
N ARG A 15 7.69 8.06 -14.63
CA ARG A 15 6.42 8.73 -14.84
C ARG A 15 5.32 7.68 -14.96
N VAL A 16 4.27 7.85 -14.16
CA VAL A 16 3.14 6.93 -14.18
C VAL A 16 1.87 7.76 -14.31
N PHE A 17 0.98 7.38 -15.22
CA PHE A 17 -0.26 8.14 -15.42
C PHE A 17 -1.47 7.31 -15.02
N PHE A 18 -2.54 7.99 -14.65
CA PHE A 18 -3.74 7.31 -14.14
C PHE A 18 -5.05 7.66 -14.83
N ASP A 19 -6.00 6.73 -14.75
CA ASP A 19 -7.32 6.97 -15.32
C ASP A 19 -8.08 7.86 -14.34
N THR A 20 -9.11 8.53 -14.82
CA THR A 20 -9.93 9.41 -13.99
C THR A 20 -10.44 8.74 -12.71
N ASN A 21 -10.16 9.40 -11.59
CA ASN A 21 -10.59 8.94 -10.26
C ASN A 21 -9.98 7.62 -9.83
N LYS A 22 -8.92 7.19 -10.50
CA LYS A 22 -8.26 5.92 -10.18
C LYS A 22 -6.83 6.10 -9.68
N SER A 23 -6.39 5.17 -8.83
CA SER A 23 -5.02 5.21 -8.30
C SER A 23 -4.31 3.88 -8.51
N ASN A 24 -4.89 3.02 -9.35
CA ASN A 24 -4.28 1.73 -9.62
C ASN A 24 -3.18 1.88 -10.68
N ILE A 25 -2.23 0.94 -10.67
CA ILE A 25 -1.13 0.98 -11.63
C ILE A 25 -1.52 0.18 -12.86
N LYS A 26 -1.64 0.84 -14.00
CA LYS A 26 -1.98 0.15 -15.24
C LYS A 26 -0.81 -0.71 -15.68
N ASP A 27 -1.11 -1.95 -16.06
CA ASP A 27 -0.11 -2.92 -16.48
C ASP A 27 1.00 -2.38 -17.38
N GLN A 28 0.65 -1.42 -18.23
CA GLN A 28 1.62 -0.85 -19.16
C GLN A 28 2.78 -0.16 -18.45
N TYR A 29 2.64 0.13 -17.16
CA TYR A 29 3.71 0.78 -16.41
C TYR A 29 4.54 -0.20 -15.59
N LYS A 30 4.14 -1.47 -15.59
CA LYS A 30 4.86 -2.49 -14.84
C LYS A 30 6.33 -2.61 -15.23
N PRO A 31 6.64 -2.57 -16.55
CA PRO A 31 8.05 -2.68 -16.95
C PRO A 31 8.91 -1.57 -16.35
N GLU A 32 8.41 -0.34 -16.37
CA GLU A 32 9.14 0.80 -15.81
C GLU A 32 9.35 0.63 -14.32
N ILE A 33 8.29 0.24 -13.61
CA ILE A 33 8.36 0.04 -12.18
C ILE A 33 9.36 -1.07 -11.85
N ALA A 34 9.39 -2.11 -12.69
CA ALA A 34 10.32 -3.22 -12.48
C ALA A 34 11.75 -2.74 -12.67
N LYS A 35 11.97 -1.87 -13.64
CA LYS A 35 13.30 -1.34 -13.91
C LYS A 35 13.77 -0.48 -12.74
N VAL A 36 12.84 0.26 -12.13
CA VAL A 36 13.18 1.09 -10.98
C VAL A 36 13.53 0.18 -9.81
N ALA A 37 12.73 -0.85 -9.60
CA ALA A 37 12.98 -1.79 -8.53
C ALA A 37 14.36 -2.42 -8.67
N GLU A 38 14.73 -2.74 -9.91
CA GLU A 38 16.03 -3.35 -10.18
C GLU A 38 17.17 -2.41 -9.80
N LYS A 39 17.05 -1.14 -10.15
CA LYS A 39 18.09 -0.17 -9.82
C LYS A 39 18.16 0.10 -8.32
N LEU A 40 17.03 0.01 -7.63
CA LEU A 40 17.00 0.24 -6.20
C LEU A 40 17.73 -0.90 -5.48
N SER A 41 17.84 -2.03 -6.17
CA SER A 41 18.53 -3.19 -5.62
C SER A 41 20.01 -3.07 -5.94
N GLU A 42 20.33 -2.58 -7.13
CA GLU A 42 21.71 -2.40 -7.56
C GLU A 42 22.38 -1.24 -6.82
N TYR A 43 21.57 -0.31 -6.34
CA TYR A 43 22.05 0.83 -5.56
C TYR A 43 21.26 0.81 -4.25
N PRO A 44 21.60 -0.12 -3.35
CA PRO A 44 20.93 -0.27 -2.06
C PRO A 44 20.74 0.97 -1.20
N ASN A 45 21.56 2.00 -1.40
CA ASN A 45 21.41 3.21 -0.60
C ASN A 45 20.59 4.31 -1.26
N ALA A 46 20.15 4.06 -2.50
CA ALA A 46 19.35 5.04 -3.22
C ALA A 46 17.99 5.19 -2.58
N THR A 47 17.36 6.35 -2.78
CA THR A 47 16.04 6.63 -2.25
C THR A 47 15.19 7.21 -3.37
N ALA A 48 13.88 7.25 -3.16
CA ALA A 48 13.00 7.78 -4.19
C ALA A 48 12.04 8.80 -3.62
N ARG A 49 11.82 9.86 -4.40
CA ARG A 49 10.89 10.93 -4.05
C ARG A 49 9.71 10.73 -4.99
N ILE A 50 8.60 10.25 -4.45
CA ILE A 50 7.40 9.95 -5.24
C ILE A 50 6.34 11.01 -4.99
N GLU A 51 5.91 11.68 -6.05
CA GLU A 51 4.91 12.73 -5.91
C GLU A 51 3.69 12.52 -6.82
N GLY A 52 2.52 12.54 -6.20
CA GLY A 52 1.28 12.32 -6.94
C GLY A 52 0.47 13.57 -7.22
N HIS A 53 -0.33 13.51 -8.28
CA HIS A 53 -1.11 14.66 -8.74
C HIS A 53 -2.46 14.28 -9.34
N THR A 54 -3.31 15.28 -9.52
CA THR A 54 -4.62 15.08 -10.13
C THR A 54 -4.89 16.21 -11.12
N ASP A 55 -5.92 16.05 -11.93
CA ASP A 55 -6.29 17.14 -12.81
C ASP A 55 -7.18 17.98 -11.90
N ASN A 56 -7.71 19.10 -12.38
CA ASN A 56 -8.49 19.98 -11.52
C ASN A 56 -10.00 19.76 -11.42
N THR A 57 -10.48 18.56 -11.74
CA THR A 57 -11.91 18.27 -11.67
C THR A 57 -12.32 17.62 -10.34
N GLY A 58 -13.49 17.97 -9.85
CA GLY A 58 -13.95 17.37 -8.61
C GLY A 58 -13.60 18.13 -7.34
N PRO A 59 -14.16 17.73 -6.19
CA PRO A 59 -13.91 18.36 -4.90
C PRO A 59 -12.44 18.36 -4.51
N ARG A 60 -12.01 19.45 -3.88
CA ARG A 60 -10.62 19.59 -3.44
C ARG A 60 -10.13 18.42 -2.58
N LYS A 61 -10.89 18.06 -1.55
CA LYS A 61 -10.46 16.98 -0.68
C LYS A 61 -10.34 15.63 -1.39
N LEU A 62 -11.21 15.38 -2.37
CA LEU A 62 -11.14 14.13 -3.10
C LEU A 62 -9.78 14.07 -3.81
N ASN A 63 -9.36 15.21 -4.36
CA ASN A 63 -8.09 15.28 -5.07
C ASN A 63 -6.87 15.30 -4.19
N GLU A 64 -6.99 15.85 -2.99
CA GLU A 64 -5.85 15.82 -2.08
C GLU A 64 -5.63 14.34 -1.76
N ARG A 65 -6.70 13.62 -1.43
CA ARG A 65 -6.59 12.21 -1.10
C ARG A 65 -6.15 11.36 -2.30
N LEU A 66 -6.71 11.64 -3.47
CA LEU A 66 -6.39 10.90 -4.69
C LEU A 66 -4.94 11.07 -5.11
N SER A 67 -4.43 12.29 -5.04
CA SER A 67 -3.04 12.55 -5.42
C SER A 67 -2.10 11.76 -4.52
N LEU A 68 -2.39 11.72 -3.22
CA LEU A 68 -1.55 10.97 -2.29
C LEU A 68 -1.71 9.46 -2.54
N ALA A 69 -2.94 9.02 -2.80
CA ALA A 69 -3.18 7.61 -3.06
C ALA A 69 -2.39 7.13 -4.28
N ARG A 70 -2.26 8.00 -5.29
CA ARG A 70 -1.51 7.64 -6.48
C ARG A 70 -0.03 7.43 -6.14
N ALA A 71 0.53 8.36 -5.37
CA ALA A 71 1.93 8.24 -4.97
C ALA A 71 2.11 6.97 -4.15
N ASN A 72 1.18 6.74 -3.21
CA ASN A 72 1.28 5.55 -2.37
C ASN A 72 1.11 4.25 -3.13
N SER A 73 0.41 4.30 -4.27
CA SER A 73 0.21 3.11 -5.07
C SER A 73 1.53 2.72 -5.75
N VAL A 74 2.31 3.71 -6.15
CA VAL A 74 3.60 3.42 -6.76
C VAL A 74 4.53 2.87 -5.69
N LYS A 75 4.50 3.46 -4.50
CA LYS A 75 5.34 2.99 -3.40
C LYS A 75 4.94 1.57 -3.02
N SER A 76 3.63 1.32 -2.99
CA SER A 76 3.12 -0.01 -2.64
C SER A 76 3.61 -1.08 -3.60
N ALA A 77 3.65 -0.76 -4.89
CA ALA A 77 4.12 -1.71 -5.89
C ALA A 77 5.57 -2.07 -5.59
N LEU A 78 6.40 -1.06 -5.34
CA LEU A 78 7.81 -1.30 -5.05
C LEU A 78 7.98 -2.10 -3.77
N VAL A 79 7.24 -1.72 -2.74
CA VAL A 79 7.31 -2.38 -1.43
C VAL A 79 6.81 -3.82 -1.40
N ASN A 80 5.63 -4.06 -1.95
CA ASN A 80 5.04 -5.38 -1.92
C ASN A 80 5.35 -6.35 -3.06
N GLU A 81 5.59 -5.83 -4.25
CA GLU A 81 5.89 -6.71 -5.37
C GLU A 81 7.38 -6.92 -5.53
N TYR A 82 8.18 -5.97 -5.07
CA TYR A 82 9.63 -6.05 -5.21
C TYR A 82 10.42 -6.01 -3.91
N ASN A 83 9.71 -6.07 -2.78
CA ASN A 83 10.32 -6.08 -1.46
C ASN A 83 11.32 -4.94 -1.18
N VAL A 84 11.01 -3.74 -1.66
CA VAL A 84 11.88 -2.59 -1.41
C VAL A 84 11.52 -2.07 -0.01
N ASP A 85 12.53 -1.64 0.73
CA ASP A 85 12.29 -1.12 2.07
C ASP A 85 11.47 0.17 1.96
N ALA A 86 10.30 0.20 2.61
CA ALA A 86 9.42 1.35 2.55
C ALA A 86 10.06 2.66 3.00
N SER A 87 10.99 2.58 3.94
CA SER A 87 11.65 3.78 4.46
C SER A 87 12.51 4.51 3.42
N ARG A 88 12.86 3.84 2.33
CA ARG A 88 13.68 4.46 1.29
C ARG A 88 12.84 5.28 0.32
N LEU A 89 11.52 5.24 0.49
CA LEU A 89 10.60 5.91 -0.43
C LEU A 89 9.66 6.90 0.22
N SER A 90 9.69 8.16 -0.22
CA SER A 90 8.78 9.15 0.32
C SER A 90 7.61 9.37 -0.64
N THR A 91 6.45 9.70 -0.09
CA THR A 91 5.27 9.95 -0.92
C THR A 91 4.61 11.24 -0.47
N GLN A 92 4.05 11.97 -1.43
CA GLN A 92 3.37 13.22 -1.14
C GLN A 92 2.43 13.52 -2.30
N GLY A 93 1.26 14.06 -1.96
CA GLY A 93 0.29 14.41 -2.98
C GLY A 93 0.19 15.92 -3.07
N PHE A 94 -0.09 16.44 -4.26
CA PHE A 94 -0.19 17.87 -4.47
C PHE A 94 -1.53 18.28 -5.08
N ALA A 95 -2.49 17.37 -5.06
CA ALA A 95 -3.80 17.66 -5.65
C ALA A 95 -3.58 18.20 -7.07
N TRP A 96 -4.27 19.29 -7.41
CA TRP A 96 -4.17 19.88 -8.74
C TRP A 96 -3.23 21.10 -8.78
N ASP A 97 -2.45 21.28 -7.71
CA ASP A 97 -1.58 22.45 -7.60
C ASP A 97 -0.38 22.57 -8.52
N GLN A 98 0.07 21.46 -9.10
CA GLN A 98 1.23 21.49 -10.00
C GLN A 98 0.94 20.87 -11.36
N PRO A 99 0.12 21.54 -12.16
CA PRO A 99 -0.19 20.97 -13.49
C PRO A 99 1.03 20.99 -14.42
N ILE A 100 1.05 20.05 -15.36
CA ILE A 100 2.12 20.03 -16.36
C ILE A 100 1.47 20.12 -17.73
N ALA A 101 0.15 20.29 -17.73
CA ALA A 101 -0.60 20.40 -18.99
C ALA A 101 -1.89 21.17 -18.79
N ASP A 102 -2.56 21.44 -19.91
CA ASP A 102 -3.82 22.20 -19.94
C ASP A 102 -5.02 21.41 -19.43
N ASN A 103 -5.58 21.84 -18.30
CA ASN A 103 -6.74 21.17 -17.71
C ASN A 103 -8.01 21.32 -18.54
N LYS A 104 -7.97 22.19 -19.55
CA LYS A 104 -9.12 22.44 -20.39
C LYS A 104 -9.34 21.38 -21.48
N THR A 105 -8.40 20.46 -21.64
CA THR A 105 -8.54 19.40 -22.65
C THR A 105 -8.44 18.02 -22.00
N LYS A 106 -9.01 17.02 -22.65
CA LYS A 106 -8.96 15.67 -22.11
C LYS A 106 -7.52 15.20 -22.10
N GLU A 107 -6.77 15.53 -23.14
CA GLU A 107 -5.38 15.11 -23.22
C GLU A 107 -4.54 15.77 -22.13
N GLY A 108 -4.80 17.05 -21.87
CA GLY A 108 -4.07 17.75 -20.83
C GLY A 108 -4.38 17.20 -19.45
N ARG A 109 -5.66 16.98 -19.18
CA ARG A 109 -6.06 16.43 -17.89
C ARG A 109 -5.44 15.05 -17.69
N ALA A 110 -5.32 14.28 -18.76
CA ALA A 110 -4.73 12.94 -18.65
C ALA A 110 -3.26 13.05 -18.24
N MET A 111 -2.58 14.10 -18.69
CA MET A 111 -1.19 14.31 -18.36
C MET A 111 -1.03 14.75 -16.91
N ASN A 112 -2.05 15.43 -16.37
CA ASN A 112 -1.98 15.89 -15.00
C ASN A 112 -2.27 14.81 -13.96
N ARG A 113 -2.97 13.75 -14.38
CA ARG A 113 -3.26 12.63 -13.46
C ARG A 113 -2.00 11.76 -13.52
N ARG A 114 -1.05 12.06 -12.64
CA ARG A 114 0.23 11.39 -12.70
C ARG A 114 0.98 11.25 -11.39
N VAL A 115 2.05 10.48 -11.45
CA VAL A 115 2.98 10.34 -10.35
C VAL A 115 4.33 10.48 -11.04
N PHE A 116 5.17 11.36 -10.50
CA PHE A 116 6.51 11.55 -11.02
C PHE A 116 7.39 11.14 -9.84
N ALA A 117 8.39 10.30 -10.10
CA ALA A 117 9.28 9.87 -9.05
C ALA A 117 10.72 10.07 -9.48
N THR A 118 11.53 10.55 -8.55
CA THR A 118 12.95 10.79 -8.83
C THR A 118 13.73 9.87 -7.91
N ILE A 119 14.59 9.03 -8.49
CA ILE A 119 15.40 8.11 -7.72
C ILE A 119 16.85 8.55 -7.83
N THR A 120 17.51 8.77 -6.69
CA THR A 120 18.91 9.20 -6.69
C THR A 120 19.70 8.44 -5.64
N GLY A 121 21.02 8.34 -5.83
CA GLY A 121 21.83 7.63 -4.87
C GLY A 121 23.15 7.19 -5.48
N SER A 122 24.06 6.75 -4.63
CA SER A 122 25.37 6.31 -5.11
C SER A 122 25.76 4.97 -4.51
N ARG A 123 26.73 4.32 -5.14
CA ARG A 123 27.26 3.05 -4.64
C ARG A 123 28.75 3.05 -4.89
N SER B 2 -33.21 5.03 -5.90
CA SER B 2 -34.59 4.60 -6.26
C SER B 2 -34.64 3.94 -7.64
N HIS B 3 -33.48 3.82 -8.28
CA HIS B 3 -33.37 3.20 -9.60
C HIS B 3 -32.42 2.01 -9.47
N MET B 4 -32.24 1.52 -8.25
CA MET B 4 -31.31 0.43 -8.02
C MET B 4 -31.67 -0.46 -6.83
N GLU B 5 -31.58 -1.77 -7.04
CA GLU B 5 -31.86 -2.76 -6.01
C GLU B 5 -30.57 -3.55 -5.84
N LEU B 6 -30.10 -3.69 -4.60
CA LEU B 6 -28.87 -4.41 -4.34
C LEU B 6 -28.95 -5.28 -3.08
N THR B 7 -28.60 -6.55 -3.22
CA THR B 7 -28.61 -7.46 -2.09
C THR B 7 -27.43 -8.41 -2.19
N GLU B 8 -26.91 -8.79 -1.03
CA GLU B 8 -25.80 -9.72 -0.92
C GLU B 8 -26.24 -10.70 0.15
N ASP B 9 -26.24 -11.98 -0.18
CA ASP B 9 -26.67 -13.00 0.77
C ASP B 9 -25.48 -13.78 1.29
N LEU B 10 -25.37 -13.83 2.62
CA LEU B 10 -24.28 -14.53 3.28
C LEU B 10 -24.70 -15.92 3.76
N ASN B 11 -23.85 -16.90 3.48
CA ASN B 11 -24.09 -18.26 3.95
C ASN B 11 -22.75 -18.76 4.46
N MET B 12 -22.73 -19.21 5.71
CA MET B 12 -21.50 -19.71 6.31
C MET B 12 -21.78 -20.94 7.14
N GLU B 13 -20.84 -21.87 7.16
CA GLU B 13 -20.98 -23.04 8.00
C GLU B 13 -19.66 -23.24 8.71
N LEU B 14 -19.72 -23.24 10.03
CA LEU B 14 -18.54 -23.43 10.86
C LEU B 14 -18.68 -24.78 11.53
N ARG B 15 -17.62 -25.59 11.49
CA ARG B 15 -17.66 -26.91 12.11
C ARG B 15 -16.54 -27.02 13.14
N VAL B 16 -16.92 -27.25 14.39
CA VAL B 16 -15.96 -27.39 15.48
C VAL B 16 -16.06 -28.78 16.07
N PHE B 17 -14.92 -29.45 16.23
CA PHE B 17 -14.93 -30.80 16.78
C PHE B 17 -14.31 -30.85 18.17
N PHE B 18 -14.81 -31.76 19.00
CA PHE B 18 -14.37 -31.88 20.39
C PHE B 18 -13.82 -33.23 20.81
N ASP B 19 -13.00 -33.22 21.86
CA ASP B 19 -12.45 -34.45 22.41
C ASP B 19 -13.53 -35.09 23.28
N THR B 20 -13.39 -36.39 23.53
CA THR B 20 -14.37 -37.10 24.33
C THR B 20 -14.65 -36.44 25.68
N ASN B 21 -15.94 -36.26 25.97
CA ASN B 21 -16.42 -35.66 27.21
C ASN B 21 -16.02 -34.20 27.41
N LYS B 22 -15.46 -33.57 26.38
CA LYS B 22 -15.03 -32.18 26.47
C LYS B 22 -15.93 -31.22 25.69
N SER B 23 -16.07 -30.00 26.19
CA SER B 23 -16.91 -28.99 25.54
C SER B 23 -16.15 -27.68 25.30
N ASN B 24 -14.85 -27.70 25.54
CA ASN B 24 -14.04 -26.50 25.34
C ASN B 24 -13.62 -26.43 23.89
N ILE B 25 -13.44 -25.21 23.38
CA ILE B 25 -13.04 -25.04 21.99
C ILE B 25 -11.52 -24.98 21.89
N LYS B 26 -10.94 -25.88 21.11
CA LYS B 26 -9.49 -25.89 20.92
C LYS B 26 -9.04 -24.62 20.23
N ASP B 27 -7.91 -24.06 20.66
CA ASP B 27 -7.39 -22.83 20.07
C ASP B 27 -7.27 -22.91 18.55
N GLN B 28 -7.10 -24.11 18.02
CA GLN B 28 -6.95 -24.27 16.58
C GLN B 28 -8.14 -23.73 15.78
N TYR B 29 -9.30 -23.62 16.43
CA TYR B 29 -10.51 -23.11 15.78
C TYR B 29 -10.69 -21.61 15.90
N LYS B 30 -9.84 -20.92 16.66
CA LYS B 30 -10.02 -19.48 16.82
C LYS B 30 -10.01 -18.67 15.52
N PRO B 31 -9.14 -19.00 14.56
CA PRO B 31 -9.18 -18.19 13.34
C PRO B 31 -10.52 -18.32 12.61
N GLU B 32 -11.08 -19.53 12.56
CA GLU B 32 -12.35 -19.73 11.89
C GLU B 32 -13.48 -19.01 12.62
N ILE B 33 -13.42 -19.03 13.95
CA ILE B 33 -14.43 -18.35 14.75
C ILE B 33 -14.31 -16.84 14.56
N ALA B 34 -13.08 -16.36 14.39
CA ALA B 34 -12.84 -14.93 14.17
C ALA B 34 -13.40 -14.51 12.82
N LYS B 35 -13.30 -15.39 11.83
CA LYS B 35 -13.81 -15.10 10.51
C LYS B 35 -15.32 -15.00 10.55
N VAL B 36 -15.94 -15.82 11.40
CA VAL B 36 -17.39 -15.78 11.54
C VAL B 36 -17.79 -14.47 12.18
N ALA B 37 -17.06 -14.08 13.23
CA ALA B 37 -17.34 -12.82 13.91
C ALA B 37 -17.24 -11.66 12.92
N GLU B 38 -16.20 -11.70 12.09
CA GLU B 38 -15.99 -10.64 11.10
C GLU B 38 -17.19 -10.50 10.17
N LYS B 39 -17.66 -11.61 9.61
CA LYS B 39 -18.79 -11.56 8.72
C LYS B 39 -20.08 -11.18 9.43
N LEU B 40 -20.19 -11.52 10.71
CA LEU B 40 -21.38 -11.14 11.47
C LEU B 40 -21.40 -9.63 11.64
N SER B 41 -20.22 -9.02 11.61
CA SER B 41 -20.11 -7.57 11.72
C SER B 41 -20.42 -6.95 10.37
N GLU B 42 -19.94 -7.60 9.30
CA GLU B 42 -20.16 -7.10 7.94
C GLU B 42 -21.61 -7.26 7.48
N TYR B 43 -22.30 -8.25 8.05
CA TYR B 43 -23.71 -8.49 7.75
C TYR B 43 -24.40 -8.39 9.11
N PRO B 44 -24.58 -7.15 9.60
CA PRO B 44 -25.20 -6.85 10.89
C PRO B 44 -26.53 -7.53 11.22
N ASN B 45 -27.31 -7.88 10.20
CA ASN B 45 -28.59 -8.52 10.46
C ASN B 45 -28.55 -10.04 10.37
N ALA B 46 -27.38 -10.60 10.11
CA ALA B 46 -27.25 -12.05 10.01
C ALA B 46 -27.42 -12.70 11.37
N THR B 47 -27.83 -13.97 11.38
CA THR B 47 -28.01 -14.70 12.63
C THR B 47 -27.33 -16.05 12.50
N ALA B 48 -27.11 -16.72 13.63
CA ALA B 48 -26.45 -18.02 13.61
C ALA B 48 -27.25 -19.08 14.34
N ARG B 49 -27.32 -20.26 13.74
CA ARG B 49 -28.01 -21.40 14.32
C ARG B 49 -26.89 -22.35 14.70
N ILE B 50 -26.59 -22.39 16.00
CA ILE B 50 -25.52 -23.22 16.53
C ILE B 50 -26.08 -24.52 17.10
N GLU B 51 -25.63 -25.65 16.60
CA GLU B 51 -26.12 -26.94 17.06
C GLU B 51 -25.01 -27.89 17.51
N GLY B 52 -25.11 -28.34 18.76
CA GLY B 52 -24.12 -29.24 19.32
C GLY B 52 -24.52 -30.71 19.30
N HIS B 53 -23.53 -31.59 19.27
CA HIS B 53 -23.76 -33.04 19.20
C HIS B 53 -22.75 -33.82 20.01
N THR B 54 -23.00 -35.12 20.16
CA THR B 54 -22.09 -36.01 20.88
C THR B 54 -22.06 -37.34 20.15
N ASP B 55 -21.11 -38.22 20.48
CA ASP B 55 -21.12 -39.53 19.86
C ASP B 55 -22.11 -40.29 20.74
N ASN B 56 -22.38 -41.56 20.43
CA ASN B 56 -23.37 -42.30 21.22
C ASN B 56 -22.86 -43.08 22.42
N THR B 57 -21.70 -42.69 22.97
CA THR B 57 -21.17 -43.40 24.13
C THR B 57 -21.58 -42.67 25.42
N GLY B 58 -21.93 -43.44 26.45
CA GLY B 58 -22.30 -42.83 27.71
C GLY B 58 -23.80 -42.63 27.95
N PRO B 59 -24.16 -42.12 29.14
CA PRO B 59 -25.54 -41.85 29.55
C PRO B 59 -26.25 -40.81 28.70
N ARG B 60 -27.57 -40.95 28.57
CA ARG B 60 -28.36 -40.03 27.77
C ARG B 60 -28.35 -38.59 28.27
N LYS B 61 -28.74 -38.37 29.52
CA LYS B 61 -28.77 -37.03 30.09
C LYS B 61 -27.43 -36.32 30.05
N LEU B 62 -26.36 -37.06 30.35
CA LEU B 62 -25.02 -36.49 30.34
C LEU B 62 -24.74 -35.93 28.94
N ASN B 63 -25.13 -36.68 27.91
CA ASN B 63 -24.91 -36.27 26.54
C ASN B 63 -25.82 -35.15 26.06
N GLU B 64 -27.03 -35.07 26.60
CA GLU B 64 -27.93 -33.99 26.20
C GLU B 64 -27.27 -32.71 26.68
N ARG B 65 -26.80 -32.72 27.93
CA ARG B 65 -26.15 -31.55 28.50
C ARG B 65 -24.83 -31.23 27.79
N LEU B 66 -24.06 -32.27 27.46
CA LEU B 66 -22.79 -32.08 26.79
C LEU B 66 -22.98 -31.45 25.40
N SER B 67 -23.98 -31.93 24.67
CA SER B 67 -24.22 -31.40 23.33
C SER B 67 -24.60 -29.91 23.39
N LEU B 68 -25.37 -29.53 24.40
CA LEU B 68 -25.77 -28.13 24.55
C LEU B 68 -24.58 -27.29 25.01
N ALA B 69 -23.76 -27.86 25.87
CA ALA B 69 -22.59 -27.17 26.38
C ALA B 69 -21.63 -26.82 25.25
N ARG B 70 -21.47 -27.76 24.31
CA ARG B 70 -20.59 -27.55 23.17
C ARG B 70 -21.14 -26.40 22.33
N ALA B 71 -22.44 -26.39 22.12
CA ALA B 71 -23.09 -25.32 21.35
C ALA B 71 -22.90 -23.99 22.06
N ASN B 72 -23.13 -23.97 23.37
CA ASN B 72 -22.98 -22.74 24.13
C ASN B 72 -21.53 -22.24 24.19
N SER B 73 -20.56 -23.14 24.05
CA SER B 73 -19.16 -22.72 24.07
C SER B 73 -18.87 -21.86 22.84
N VAL B 74 -19.43 -22.25 21.70
CA VAL B 74 -19.24 -21.50 20.46
C VAL B 74 -19.92 -20.16 20.59
N LYS B 75 -21.13 -20.14 21.13
CA LYS B 75 -21.84 -18.88 21.30
C LYS B 75 -21.08 -17.98 22.26
N SER B 76 -20.59 -18.55 23.36
CA SER B 76 -19.84 -17.77 24.34
C SER B 76 -18.58 -17.15 23.75
N ALA B 77 -17.93 -17.84 22.82
CA ALA B 77 -16.72 -17.32 22.21
C ALA B 77 -17.09 -16.08 21.39
N LEU B 78 -18.16 -16.20 20.61
CA LEU B 78 -18.60 -15.08 19.79
C LEU B 78 -19.04 -13.89 20.62
N VAL B 79 -19.77 -14.16 21.69
CA VAL B 79 -20.28 -13.10 22.56
C VAL B 79 -19.21 -12.41 23.39
N ASN B 80 -18.39 -13.20 24.07
CA ASN B 80 -17.37 -12.64 24.96
C ASN B 80 -16.06 -12.21 24.31
N GLU B 81 -15.59 -12.93 23.30
CA GLU B 81 -14.33 -12.57 22.65
C GLU B 81 -14.48 -11.66 21.44
N TYR B 82 -15.66 -11.64 20.83
CA TYR B 82 -15.88 -10.81 19.65
C TYR B 82 -17.01 -9.82 19.80
N ASN B 83 -17.58 -9.75 21.00
CA ASN B 83 -18.64 -8.80 21.29
C ASN B 83 -19.88 -8.93 20.39
N VAL B 84 -20.18 -10.13 19.92
CA VAL B 84 -21.36 -10.33 19.09
C VAL B 84 -22.58 -10.30 20.01
N ASP B 85 -23.66 -9.67 19.57
CA ASP B 85 -24.89 -9.61 20.36
C ASP B 85 -25.46 -11.02 20.54
N ALA B 86 -25.58 -11.45 21.80
CA ALA B 86 -26.07 -12.80 22.09
C ALA B 86 -27.44 -13.11 21.48
N SER B 87 -28.29 -12.10 21.34
CA SER B 87 -29.62 -12.35 20.78
C SER B 87 -29.60 -12.77 19.31
N ARG B 88 -28.46 -12.61 18.65
CA ARG B 88 -28.35 -12.99 17.25
C ARG B 88 -27.99 -14.46 17.08
N LEU B 89 -27.71 -15.12 18.19
CA LEU B 89 -27.27 -16.51 18.16
C LEU B 89 -28.12 -17.47 18.96
N SER B 90 -28.52 -18.57 18.33
CA SER B 90 -29.31 -19.58 19.03
C SER B 90 -28.44 -20.80 19.27
N THR B 91 -28.72 -21.53 20.35
CA THR B 91 -27.96 -22.74 20.66
C THR B 91 -28.95 -23.86 21.00
N GLN B 92 -28.60 -25.07 20.59
CA GLN B 92 -29.42 -26.24 20.84
C GLN B 92 -28.55 -27.47 20.80
N GLY B 93 -28.83 -28.43 21.69
CA GLY B 93 -28.07 -29.66 21.72
C GLY B 93 -28.95 -30.82 21.27
N PHE B 94 -28.37 -31.75 20.52
CA PHE B 94 -29.13 -32.89 20.02
C PHE B 94 -28.60 -34.23 20.50
N ALA B 95 -27.77 -34.20 21.53
CA ALA B 95 -27.18 -35.43 22.05
C ALA B 95 -26.59 -36.22 20.88
N TRP B 96 -26.88 -37.52 20.82
CA TRP B 96 -26.35 -38.37 19.75
C TRP B 96 -27.38 -38.66 18.66
N ASP B 97 -28.49 -37.93 18.69
CA ASP B 97 -29.57 -38.17 17.73
C ASP B 97 -29.30 -37.87 16.26
N GLN B 98 -28.30 -37.05 15.98
CA GLN B 98 -27.99 -36.70 14.60
C GLN B 98 -26.55 -37.00 14.19
N PRO B 99 -26.21 -38.29 14.09
CA PRO B 99 -24.85 -38.68 13.71
C PRO B 99 -24.56 -38.39 12.24
N ILE B 100 -23.31 -38.07 11.94
CA ILE B 100 -22.92 -37.82 10.56
C ILE B 100 -21.92 -38.90 10.14
N ALA B 101 -21.51 -39.73 11.11
CA ALA B 101 -20.57 -40.82 10.86
C ALA B 101 -20.91 -42.03 11.71
N ASP B 102 -20.25 -43.15 11.44
CA ASP B 102 -20.49 -44.39 12.17
C ASP B 102 -19.85 -44.40 13.55
N ASN B 103 -20.69 -44.52 14.58
CA ASN B 103 -20.21 -44.53 15.96
C ASN B 103 -19.41 -45.79 16.28
N LYS B 104 -19.32 -46.72 15.34
CA LYS B 104 -18.60 -47.97 15.60
C LYS B 104 -17.08 -47.85 15.45
N THR B 105 -16.62 -46.79 14.79
CA THR B 105 -15.18 -46.59 14.62
C THR B 105 -14.73 -45.35 15.37
N LYS B 106 -13.46 -45.34 15.77
CA LYS B 106 -12.90 -44.21 16.50
C LYS B 106 -13.03 -42.94 15.68
N GLU B 107 -12.84 -43.06 14.36
CA GLU B 107 -12.93 -41.92 13.47
C GLU B 107 -14.36 -41.40 13.39
N GLY B 108 -15.32 -42.32 13.33
CA GLY B 108 -16.72 -41.94 13.25
C GLY B 108 -17.17 -41.17 14.48
N ARG B 109 -16.79 -41.65 15.65
CA ARG B 109 -17.16 -41.00 16.89
C ARG B 109 -16.54 -39.61 16.97
N ALA B 110 -15.32 -39.47 16.45
CA ALA B 110 -14.65 -38.18 16.47
C ALA B 110 -15.44 -37.16 15.66
N MET B 111 -15.97 -37.61 14.53
CA MET B 111 -16.76 -36.77 13.64
C MET B 111 -18.08 -36.35 14.27
N ASN B 112 -18.64 -37.21 15.11
CA ASN B 112 -19.91 -36.91 15.75
C ASN B 112 -19.83 -35.94 16.92
N ARG B 113 -18.68 -35.87 17.57
CA ARG B 113 -18.50 -34.94 18.69
C ARG B 113 -18.25 -33.59 18.02
N ARG B 114 -19.31 -32.85 17.75
CA ARG B 114 -19.16 -31.61 17.01
C ARG B 114 -20.22 -30.56 17.27
N VAL B 115 -19.98 -29.40 16.67
CA VAL B 115 -20.93 -28.30 16.71
C VAL B 115 -20.89 -27.76 15.30
N PHE B 116 -22.07 -27.60 14.71
CA PHE B 116 -22.16 -27.04 13.37
C PHE B 116 -22.92 -25.73 13.57
N ALA B 117 -22.33 -24.63 13.11
CA ALA B 117 -22.97 -23.33 13.22
C ALA B 117 -23.25 -22.85 11.81
N THR B 118 -24.52 -22.54 11.54
CA THR B 118 -24.91 -22.08 10.22
C THR B 118 -25.30 -20.61 10.30
N ILE B 119 -24.58 -19.77 9.57
CA ILE B 119 -24.85 -18.34 9.58
C ILE B 119 -25.55 -17.95 8.28
N THR B 120 -26.63 -17.18 8.42
CA THR B 120 -27.39 -16.74 7.26
C THR B 120 -27.79 -15.29 7.45
N GLY B 121 -27.94 -14.58 6.34
CA GLY B 121 -28.33 -13.19 6.43
C GLY B 121 -28.02 -12.44 5.15
N SER B 122 -28.58 -11.24 5.04
CA SER B 122 -28.35 -10.41 3.86
C SER B 122 -28.09 -8.98 4.26
N ARG B 123 -27.50 -8.22 3.33
CA ARG B 123 -27.25 -6.81 3.54
C ARG B 123 -27.52 -6.11 2.21
N MET C 4 10.39 6.67 -18.72
CA MET C 4 11.43 6.50 -17.67
C MET C 4 12.81 6.64 -18.28
N GLU C 5 13.65 7.49 -17.67
CA GLU C 5 15.00 7.71 -18.14
C GLU C 5 15.94 7.59 -16.96
N LEU C 6 17.16 7.12 -17.19
CA LEU C 6 18.10 7.00 -16.11
C LEU C 6 19.53 7.04 -16.60
N THR C 7 20.42 7.52 -15.74
CA THR C 7 21.82 7.61 -16.08
C THR C 7 22.65 7.15 -14.89
N GLU C 8 23.86 6.66 -15.19
CA GLU C 8 24.78 6.22 -14.16
C GLU C 8 26.07 6.95 -14.48
N ASP C 9 26.61 7.65 -13.49
CA ASP C 9 27.86 8.38 -13.68
C ASP C 9 28.98 7.76 -12.86
N LEU C 10 30.11 7.54 -13.53
CA LEU C 10 31.28 6.95 -12.90
C LEU C 10 32.33 8.00 -12.55
N ASN C 11 32.82 7.95 -11.31
CA ASN C 11 33.88 8.86 -10.87
C ASN C 11 34.84 8.03 -10.02
N MET C 12 36.09 7.94 -10.46
CA MET C 12 37.10 7.17 -9.75
C MET C 12 38.39 7.94 -9.59
N GLU C 13 39.10 7.65 -8.50
CA GLU C 13 40.40 8.25 -8.29
C GLU C 13 41.34 7.13 -7.87
N LEU C 14 42.44 7.00 -8.61
CA LEU C 14 43.44 5.98 -8.33
C LEU C 14 44.70 6.70 -7.86
N ARG C 15 45.30 6.20 -6.78
CA ARG C 15 46.52 6.80 -6.26
C ARG C 15 47.59 5.73 -6.22
N VAL C 16 48.70 5.96 -6.93
CA VAL C 16 49.80 5.01 -6.97
C VAL C 16 51.05 5.75 -6.46
N PHE C 17 51.80 5.12 -5.57
CA PHE C 17 53.01 5.74 -5.03
C PHE C 17 54.29 5.04 -5.48
N PHE C 18 55.38 5.81 -5.57
CA PHE C 18 56.65 5.28 -6.05
C PHE C 18 57.84 5.56 -5.14
N ASP C 19 58.86 4.72 -5.25
CA ASP C 19 60.09 4.88 -4.47
C ASP C 19 60.97 5.86 -5.22
N THR C 20 62.00 6.37 -4.56
CA THR C 20 62.91 7.32 -5.18
C THR C 20 63.50 6.83 -6.51
N ASN C 21 63.41 7.69 -7.52
CA ASN C 21 63.90 7.40 -8.87
C ASN C 21 63.21 6.28 -9.63
N LYS C 22 62.20 5.66 -9.02
CA LYS C 22 61.51 4.56 -9.68
C LYS C 22 60.19 5.00 -10.32
N SER C 23 59.86 4.35 -11.44
CA SER C 23 58.63 4.64 -12.16
C SER C 23 57.85 3.35 -12.41
N ASN C 24 58.28 2.28 -11.76
CA ASN C 24 57.62 0.99 -11.90
C ASN C 24 56.38 0.91 -10.99
N ILE C 25 55.41 0.09 -11.40
CA ILE C 25 54.20 -0.08 -10.61
C ILE C 25 54.41 -1.23 -9.63
N LYS C 26 54.38 -0.94 -8.33
CA LYS C 26 54.56 -1.98 -7.33
C LYS C 26 53.43 -2.99 -7.41
N ASP C 27 53.74 -4.25 -7.13
CA ASP C 27 52.74 -5.31 -7.20
C ASP C 27 51.50 -5.05 -6.35
N GLN C 28 51.66 -4.38 -5.22
CA GLN C 28 50.52 -4.09 -4.35
C GLN C 28 49.46 -3.21 -5.01
N TYR C 29 49.81 -2.58 -6.13
CA TYR C 29 48.85 -1.72 -6.82
C TYR C 29 48.10 -2.42 -7.95
N LYS C 30 48.47 -3.66 -8.24
CA LYS C 30 47.81 -4.40 -9.31
C LYS C 30 46.29 -4.56 -9.12
N PRO C 31 45.84 -4.86 -7.89
CA PRO C 31 44.39 -4.99 -7.74
C PRO C 31 43.61 -3.74 -8.06
N GLU C 32 44.15 -2.57 -7.73
CA GLU C 32 43.44 -1.34 -8.00
C GLU C 32 43.46 -1.00 -9.49
N ILE C 33 44.55 -1.31 -10.16
CA ILE C 33 44.65 -1.06 -11.59
C ILE C 33 43.65 -1.98 -12.29
N ALA C 34 43.53 -3.22 -11.81
CA ALA C 34 42.58 -4.17 -12.37
C ALA C 34 41.15 -3.65 -12.22
N LYS C 35 40.87 -3.01 -11.09
CA LYS C 35 39.53 -2.45 -10.86
C LYS C 35 39.27 -1.30 -11.82
N VAL C 36 40.29 -0.46 -12.03
CA VAL C 36 40.14 0.65 -12.97
C VAL C 36 39.80 0.09 -14.35
N ALA C 37 40.55 -0.91 -14.79
CA ALA C 37 40.30 -1.54 -16.08
C ALA C 37 38.86 -2.08 -16.15
N GLU C 38 38.42 -2.71 -15.07
CA GLU C 38 37.06 -3.25 -15.02
C GLU C 38 36.01 -2.16 -15.25
N LYS C 39 36.17 -1.02 -14.58
CA LYS C 39 35.21 0.06 -14.73
C LYS C 39 35.28 0.74 -16.09
N LEU C 40 36.46 0.73 -16.72
CA LEU C 40 36.61 1.33 -18.03
C LEU C 40 35.88 0.47 -19.06
N SER C 41 35.65 -0.80 -18.72
CA SER C 41 34.92 -1.70 -19.60
C SER C 41 33.43 -1.54 -19.31
N GLU C 42 33.09 -1.36 -18.04
CA GLU C 42 31.71 -1.18 -17.62
C GLU C 42 31.11 0.13 -18.14
N TYR C 43 31.96 1.14 -18.29
CA TYR C 43 31.57 2.46 -18.80
C TYR C 43 32.47 2.68 -20.02
N PRO C 44 32.08 2.14 -21.19
CA PRO C 44 32.88 2.29 -22.40
C PRO C 44 33.27 3.69 -22.88
N ASN C 45 32.54 4.71 -22.45
CA ASN C 45 32.87 6.07 -22.86
C ASN C 45 33.79 6.77 -21.86
N ALA C 46 34.15 6.06 -20.79
CA ALA C 46 34.99 6.64 -19.75
C ALA C 46 36.40 6.96 -20.22
N THR C 47 36.99 8.00 -19.63
CA THR C 47 38.36 8.40 -19.94
C THR C 47 39.09 8.60 -18.62
N ALA C 48 40.42 8.65 -18.69
CA ALA C 48 41.21 8.83 -17.49
C ALA C 48 42.24 9.94 -17.68
N ARG C 49 42.39 10.76 -16.65
CA ARG C 49 43.37 11.85 -16.67
C ARG C 49 44.41 11.40 -15.65
N ILE C 50 45.54 10.91 -16.16
CA ILE C 50 46.63 10.41 -15.34
C ILE C 50 47.70 11.47 -15.17
N GLU C 51 48.01 11.83 -13.93
CA GLU C 51 49.01 12.86 -13.68
C GLU C 51 50.10 12.37 -12.73
N GLY C 52 51.34 12.47 -13.19
CA GLY C 52 52.49 12.02 -12.40
C GLY C 52 53.19 13.15 -11.68
N HIS C 53 53.85 12.83 -10.58
CA HIS C 53 54.55 13.81 -9.76
C HIS C 53 55.83 13.22 -9.16
N THR C 54 56.67 14.09 -8.61
CA THR C 54 57.93 13.68 -7.99
C THR C 54 58.13 14.56 -6.77
N ASP C 55 59.08 14.20 -5.90
CA ASP C 55 59.36 15.05 -4.76
C ASP C 55 60.25 16.17 -5.29
N ASN C 56 60.61 17.13 -4.45
CA ASN C 56 61.42 18.26 -4.88
C ASN C 56 62.94 18.03 -4.90
N THR C 57 63.37 16.78 -4.86
CA THR C 57 64.80 16.50 -4.87
C THR C 57 65.32 16.12 -6.26
N GLY C 58 66.55 16.55 -6.55
CA GLY C 58 67.15 16.25 -7.83
C GLY C 58 66.98 17.33 -8.88
N PRO C 59 67.60 17.17 -10.06
CA PRO C 59 67.53 18.12 -11.18
C PRO C 59 66.12 18.27 -11.73
N ARG C 60 65.85 19.42 -12.33
CA ARG C 60 64.53 19.71 -12.91
C ARG C 60 64.23 18.77 -14.07
N LYS C 61 65.21 18.58 -14.96
CA LYS C 61 65.03 17.72 -16.11
C LYS C 61 64.72 16.28 -15.72
N LEU C 62 65.32 15.83 -14.63
CA LEU C 62 65.10 14.47 -14.15
C LEU C 62 63.65 14.28 -13.71
N ASN C 63 63.18 15.18 -12.85
CA ASN C 63 61.83 15.11 -12.32
C ASN C 63 60.72 15.36 -13.34
N GLU C 64 61.00 16.15 -14.36
CA GLU C 64 59.99 16.40 -15.37
C GLU C 64 59.79 15.09 -16.13
N ARG C 65 60.90 14.43 -16.46
CA ARG C 65 60.83 13.16 -17.18
C ARG C 65 60.32 12.05 -16.27
N LEU C 66 60.73 12.07 -15.02
CA LEU C 66 60.32 11.05 -14.06
C LEU C 66 58.82 11.14 -13.75
N SER C 67 58.32 12.36 -13.59
CA SER C 67 56.90 12.55 -13.28
C SER C 67 56.05 11.99 -14.42
N LEU C 68 56.45 12.28 -15.65
CA LEU C 68 55.73 11.80 -16.83
C LEU C 68 55.87 10.29 -16.98
N ALA C 69 57.06 9.76 -16.67
CA ALA C 69 57.31 8.34 -16.79
C ALA C 69 56.37 7.57 -15.85
N ARG C 70 56.16 8.13 -14.66
CA ARG C 70 55.29 7.49 -13.70
C ARG C 70 53.86 7.44 -14.22
N ALA C 71 53.41 8.53 -14.83
CA ALA C 71 52.06 8.58 -15.38
C ALA C 71 51.98 7.57 -16.54
N ASN C 72 53.02 7.53 -17.36
CA ASN C 72 53.03 6.60 -18.48
C ASN C 72 53.10 5.14 -18.05
N SER C 73 53.64 4.87 -16.87
CA SER C 73 53.71 3.49 -16.39
C SER C 73 52.30 3.01 -16.08
N VAL C 74 51.49 3.89 -15.51
CA VAL C 74 50.11 3.54 -15.19
C VAL C 74 49.34 3.32 -16.48
N LYS C 75 49.52 4.23 -17.43
CA LYS C 75 48.84 4.10 -18.71
C LYS C 75 49.29 2.82 -19.41
N SER C 76 50.59 2.55 -19.37
CA SER C 76 51.14 1.36 -20.01
C SER C 76 50.52 0.07 -19.48
N ALA C 77 50.32 0.01 -18.16
CA ALA C 77 49.73 -1.17 -17.55
C ALA C 77 48.32 -1.40 -18.08
N LEU C 78 47.52 -0.34 -18.15
CA LEU C 78 46.15 -0.43 -18.64
C LEU C 78 46.13 -0.83 -20.11
N VAL C 79 46.98 -0.19 -20.90
CA VAL C 79 47.04 -0.48 -22.33
C VAL C 79 47.55 -1.87 -22.68
N ASN C 80 48.67 -2.26 -22.08
CA ASN C 80 49.29 -3.55 -22.39
C ASN C 80 48.79 -4.77 -21.63
N GLU C 81 48.37 -4.57 -20.39
CA GLU C 81 47.89 -5.68 -19.58
C GLU C 81 46.39 -5.81 -19.54
N TYR C 82 45.67 -4.73 -19.84
CA TYR C 82 44.23 -4.75 -19.78
C TYR C 82 43.45 -4.41 -21.05
N ASN C 83 44.14 -4.35 -22.18
CA ASN C 83 43.47 -4.07 -23.45
C ASN C 83 42.71 -2.74 -23.50
N VAL C 84 43.14 -1.77 -22.68
CA VAL C 84 42.46 -0.48 -22.69
C VAL C 84 43.04 0.37 -23.82
N ASP C 85 42.17 0.97 -24.64
CA ASP C 85 42.63 1.81 -25.73
C ASP C 85 43.40 3.03 -25.20
N ALA C 86 44.61 3.23 -25.73
CA ALA C 86 45.46 4.32 -25.30
C ALA C 86 44.86 5.72 -25.40
N SER C 87 44.07 5.97 -26.45
CA SER C 87 43.50 7.30 -26.63
C SER C 87 42.54 7.74 -25.54
N ARG C 88 42.12 6.82 -24.68
CA ARG C 88 41.19 7.14 -23.60
C ARG C 88 41.95 7.60 -22.37
N LEU C 89 43.28 7.51 -22.42
CA LEU C 89 44.11 7.85 -21.27
C LEU C 89 45.12 8.94 -21.55
N SER C 90 44.99 10.06 -20.86
CA SER C 90 45.93 11.16 -21.04
C SER C 90 46.97 11.07 -19.93
N THR C 91 48.20 11.47 -20.22
CA THR C 91 49.25 11.46 -19.22
C THR C 91 49.98 12.80 -19.21
N GLN C 92 50.35 13.24 -18.02
CA GLN C 92 51.08 14.49 -17.87
C GLN C 92 51.91 14.44 -16.60
N GLY C 93 53.11 15.01 -16.69
CA GLY C 93 54.01 15.05 -15.54
C GLY C 93 54.09 16.48 -15.05
N PHE C 94 54.10 16.65 -13.73
CA PHE C 94 54.17 17.98 -13.14
C PHE C 94 55.42 18.16 -12.30
N ALA C 95 56.36 17.24 -12.44
CA ALA C 95 57.60 17.28 -11.68
C ALA C 95 57.27 17.47 -10.20
N TRP C 96 57.75 18.55 -9.61
CA TRP C 96 57.49 18.82 -8.19
C TRP C 96 56.59 20.04 -7.97
N ASP C 97 56.10 20.62 -9.07
CA ASP C 97 55.27 21.82 -8.98
C ASP C 97 53.95 21.69 -8.24
N GLN C 98 53.54 20.47 -7.92
CA GLN C 98 52.27 20.28 -7.21
C GLN C 98 52.34 19.26 -6.08
N PRO C 99 53.06 19.60 -4.99
CA PRO C 99 53.18 18.70 -3.86
C PRO C 99 51.88 18.63 -3.05
N ILE C 100 51.69 17.51 -2.36
CA ILE C 100 50.50 17.32 -1.53
C ILE C 100 50.95 17.08 -0.10
N ALA C 101 52.27 17.00 0.08
CA ALA C 101 52.85 16.78 1.39
C ALA C 101 54.12 17.62 1.52
N ASP C 102 54.68 17.67 2.72
CA ASP C 102 55.89 18.44 2.98
C ASP C 102 57.16 17.70 2.56
N ASN C 103 57.91 18.30 1.65
CA ASN C 103 59.15 17.70 1.17
C ASN C 103 60.27 17.76 2.20
N LYS C 104 60.00 18.37 3.34
CA LYS C 104 61.00 18.50 4.40
C LYS C 104 61.08 17.23 5.25
N THR C 105 60.17 16.29 5.02
CA THR C 105 60.15 15.05 5.78
C THR C 105 60.26 13.81 4.88
N LYS C 106 60.63 12.69 5.51
CA LYS C 106 60.77 11.42 4.81
C LYS C 106 59.43 10.99 4.24
N GLU C 107 58.43 10.92 5.12
CA GLU C 107 57.08 10.51 4.74
C GLU C 107 56.42 11.53 3.82
N GLY C 108 56.78 12.80 3.98
CA GLY C 108 56.20 13.82 3.14
C GLY C 108 56.58 13.61 1.69
N ARG C 109 57.88 13.45 1.45
CA ARG C 109 58.37 13.22 0.10
C ARG C 109 57.79 11.95 -0.51
N ALA C 110 57.53 10.96 0.35
CA ALA C 110 56.98 9.70 -0.11
C ALA C 110 55.59 9.89 -0.71
N MET C 111 54.82 10.79 -0.12
CA MET C 111 53.48 11.08 -0.60
C MET C 111 53.49 11.82 -1.93
N ASN C 112 54.51 12.66 -2.14
CA ASN C 112 54.61 13.42 -3.38
C ASN C 112 55.03 12.59 -4.57
N ARG C 113 55.77 11.51 -4.34
CA ARG C 113 56.19 10.62 -5.43
C ARG C 113 54.95 9.80 -5.74
N ARG C 114 54.08 10.34 -6.59
CA ARG C 114 52.82 9.67 -6.88
C ARG C 114 52.26 9.91 -8.26
N VAL C 115 51.19 9.19 -8.53
CA VAL C 115 50.44 9.33 -9.77
C VAL C 115 49.01 9.31 -9.28
N PHE C 116 48.23 10.31 -9.69
CA PHE C 116 46.83 10.39 -9.34
C PHE C 116 46.09 10.31 -10.66
N ALA C 117 45.15 9.37 -10.75
CA ALA C 117 44.38 9.21 -11.97
C ALA C 117 42.91 9.40 -11.68
N THR C 118 42.28 10.27 -12.45
CA THR C 118 40.86 10.54 -12.29
C THR C 118 40.12 9.95 -13.48
N ILE C 119 39.20 9.05 -13.20
CA ILE C 119 38.42 8.38 -14.23
C ILE C 119 37.00 8.91 -14.20
N THR C 120 36.48 9.31 -15.36
CA THR C 120 35.14 9.82 -15.43
C THR C 120 34.41 9.16 -16.60
N GLY C 121 33.14 8.81 -16.39
CA GLY C 121 32.38 8.18 -17.46
C GLY C 121 30.90 8.20 -17.14
N SER C 122 30.09 7.79 -18.11
CA SER C 122 28.64 7.79 -17.92
C SER C 122 28.00 6.77 -18.86
N ARG C 123 26.83 6.26 -18.48
CA ARG C 123 26.12 5.28 -19.30
C ARG C 123 24.63 5.31 -19.02
N GLY D 1 -7.75 -30.19 7.68
CA GLY D 1 -8.41 -29.53 6.53
C GLY D 1 -9.25 -28.34 6.95
N SER D 2 -10.08 -27.86 6.02
CA SER D 2 -10.94 -26.71 6.28
C SER D 2 -12.11 -27.11 7.17
N HIS D 3 -12.48 -26.23 8.10
CA HIS D 3 -13.59 -26.47 9.01
C HIS D 3 -14.61 -25.35 8.90
N MET D 4 -14.46 -24.51 7.89
CA MET D 4 -15.39 -23.41 7.72
C MET D 4 -15.32 -22.85 6.32
N GLU D 5 -16.48 -22.68 5.71
CA GLU D 5 -16.56 -22.13 4.36
C GLU D 5 -17.72 -21.15 4.32
N LEU D 6 -17.60 -20.17 3.44
CA LEU D 6 -18.66 -19.19 3.31
C LEU D 6 -18.77 -18.76 1.88
N THR D 7 -19.97 -18.29 1.52
CA THR D 7 -20.22 -17.82 0.18
C THR D 7 -21.06 -16.55 0.32
N GLU D 8 -20.92 -15.67 -0.66
CA GLU D 8 -21.67 -14.43 -0.69
C GLU D 8 -22.23 -14.35 -2.11
N ASP D 9 -23.54 -14.18 -2.21
CA ASP D 9 -24.18 -14.10 -3.52
C ASP D 9 -24.66 -12.68 -3.77
N LEU D 10 -24.30 -12.15 -4.94
CA LEU D 10 -24.66 -10.79 -5.32
C LEU D 10 -25.83 -10.76 -6.29
N ASN D 11 -26.77 -9.86 -6.03
CA ASN D 11 -27.93 -9.71 -6.89
C ASN D 11 -28.29 -8.22 -6.95
N MET D 12 -28.15 -7.65 -8.14
CA MET D 12 -28.46 -6.24 -8.36
C MET D 12 -29.41 -6.05 -9.52
N GLU D 13 -30.20 -4.99 -9.44
CA GLU D 13 -31.13 -4.64 -10.49
C GLU D 13 -30.97 -3.14 -10.68
N LEU D 14 -30.65 -2.75 -11.91
CA LEU D 14 -30.44 -1.34 -12.25
C LEU D 14 -31.50 -0.94 -13.27
N ARG D 15 -32.12 0.23 -13.04
CA ARG D 15 -33.13 0.73 -13.95
C ARG D 15 -32.73 2.13 -14.43
N VAL D 16 -32.62 2.29 -15.73
CA VAL D 16 -32.26 3.58 -16.33
C VAL D 16 -33.34 3.93 -17.33
N PHE D 17 -33.82 5.17 -17.29
CA PHE D 17 -34.87 5.59 -18.21
C PHE D 17 -34.37 6.63 -19.20
N PHE D 18 -35.00 6.67 -20.37
CA PHE D 18 -34.59 7.57 -21.43
C PHE D 18 -35.70 8.44 -22.01
N ASP D 19 -35.30 9.54 -22.64
CA ASP D 19 -36.25 10.44 -23.29
C ASP D 19 -36.61 9.82 -24.63
N THR D 20 -37.71 10.27 -25.21
CA THR D 20 -38.17 9.76 -26.50
C THR D 20 -37.08 9.85 -27.56
N ASN D 21 -36.84 8.74 -28.25
CA ASN D 21 -35.84 8.67 -29.32
C ASN D 21 -34.39 8.86 -28.88
N LYS D 22 -34.14 8.84 -27.57
CA LYS D 22 -32.79 9.03 -27.05
C LYS D 22 -32.24 7.76 -26.41
N SER D 23 -30.91 7.60 -26.48
CA SER D 23 -30.24 6.45 -25.89
C SER D 23 -29.07 6.89 -25.02
N ASN D 24 -29.01 8.18 -24.69
CA ASN D 24 -27.94 8.69 -23.85
C ASN D 24 -28.30 8.47 -22.38
N ILE D 25 -27.28 8.35 -21.53
CA ILE D 25 -27.49 8.15 -20.11
C ILE D 25 -27.42 9.51 -19.41
N LYS D 26 -28.52 9.90 -18.76
CA LYS D 26 -28.58 11.17 -18.06
C LYS D 26 -27.67 11.17 -16.84
N ASP D 27 -27.17 12.34 -16.47
CA ASP D 27 -26.26 12.48 -15.33
C ASP D 27 -26.78 11.90 -14.02
N GLN D 28 -28.08 11.98 -13.80
CA GLN D 28 -28.65 11.47 -12.55
C GLN D 28 -28.41 9.98 -12.32
N TYR D 29 -28.11 9.25 -13.39
CA TYR D 29 -27.87 7.81 -13.27
C TYR D 29 -26.42 7.42 -13.01
N LYS D 30 -25.53 8.39 -12.95
CA LYS D 30 -24.12 8.10 -12.70
C LYS D 30 -23.84 7.36 -11.39
N PRO D 31 -24.42 7.83 -10.26
CA PRO D 31 -24.16 7.14 -8.99
C PRO D 31 -24.55 5.66 -8.98
N GLU D 32 -25.67 5.33 -9.61
CA GLU D 32 -26.09 3.93 -9.64
C GLU D 32 -25.20 3.09 -10.56
N ILE D 33 -24.77 3.66 -11.67
CA ILE D 33 -23.89 2.93 -12.57
C ILE D 33 -22.55 2.71 -11.86
N ALA D 34 -22.10 3.72 -11.11
CA ALA D 34 -20.85 3.62 -10.37
C ALA D 34 -20.95 2.51 -9.33
N LYS D 35 -22.12 2.36 -8.71
CA LYS D 35 -22.31 1.33 -7.71
C LYS D 35 -22.25 -0.05 -8.33
N VAL D 36 -22.80 -0.19 -9.53
CA VAL D 36 -22.77 -1.46 -10.25
C VAL D 36 -21.32 -1.83 -10.57
N ALA D 37 -20.54 -0.83 -10.95
CA ALA D 37 -19.13 -1.04 -11.28
C ALA D 37 -18.38 -1.53 -10.04
N GLU D 38 -18.67 -0.91 -8.90
CA GLU D 38 -18.03 -1.29 -7.64
C GLU D 38 -18.28 -2.76 -7.33
N LYS D 39 -19.54 -3.17 -7.46
CA LYS D 39 -19.90 -4.56 -7.19
C LYS D 39 -19.27 -5.52 -8.18
N LEU D 40 -19.25 -5.14 -9.46
CA LEU D 40 -18.65 -6.00 -10.48
C LEU D 40 -17.17 -6.20 -10.18
N SER D 41 -16.58 -5.24 -9.46
CA SER D 41 -15.18 -5.34 -9.09
C SER D 41 -15.03 -6.24 -7.87
N GLU D 42 -15.92 -6.06 -6.90
CA GLU D 42 -15.90 -6.85 -5.67
C GLU D 42 -16.24 -8.31 -5.90
N TYR D 43 -16.96 -8.58 -6.99
CA TYR D 43 -17.37 -9.93 -7.36
C TYR D 43 -16.88 -10.17 -8.78
N PRO D 44 -15.58 -10.47 -8.94
CA PRO D 44 -14.95 -10.72 -10.24
C PRO D 44 -15.67 -11.71 -11.17
N ASN D 45 -16.36 -12.68 -10.60
CA ASN D 45 -17.04 -13.67 -11.43
C ASN D 45 -18.45 -13.21 -11.82
N ALA D 46 -18.92 -12.13 -11.20
CA ALA D 46 -20.25 -11.61 -11.50
C ALA D 46 -20.35 -11.16 -12.95
N THR D 47 -21.54 -11.36 -13.53
CA THR D 47 -21.80 -10.96 -14.90
C THR D 47 -23.04 -10.08 -14.88
N ALA D 48 -23.34 -9.45 -16.01
CA ALA D 48 -24.51 -8.58 -16.08
C ALA D 48 -25.33 -8.82 -17.34
N ARG D 49 -26.64 -8.69 -17.19
CA ARG D 49 -27.56 -8.88 -18.29
C ARG D 49 -28.27 -7.55 -18.51
N ILE D 50 -27.77 -6.77 -19.47
CA ILE D 50 -28.32 -5.46 -19.80
C ILE D 50 -29.37 -5.56 -20.89
N GLU D 51 -30.62 -5.26 -20.56
CA GLU D 51 -31.72 -5.33 -21.53
C GLU D 51 -32.38 -3.98 -21.79
N GLY D 52 -32.47 -3.62 -23.08
CA GLY D 52 -33.07 -2.34 -23.47
C GLY D 52 -34.48 -2.45 -24.00
N HIS D 53 -35.25 -1.37 -23.83
CA HIS D 53 -36.64 -1.34 -24.26
C HIS D 53 -37.06 0.04 -24.79
N THR D 54 -38.22 0.09 -25.44
CA THR D 54 -38.76 1.35 -25.97
C THR D 54 -40.27 1.32 -25.75
N ASP D 55 -40.94 2.46 -25.98
CA ASP D 55 -42.40 2.48 -25.85
C ASP D 55 -42.91 2.10 -27.24
N ASN D 56 -44.21 1.93 -27.40
CA ASN D 56 -44.76 1.48 -28.68
C ASN D 56 -44.98 2.53 -29.78
N THR D 57 -44.27 3.65 -29.72
CA THR D 57 -44.43 4.67 -30.75
C THR D 57 -43.32 4.60 -31.81
N GLY D 58 -43.68 4.88 -33.06
CA GLY D 58 -42.69 4.85 -34.12
C GLY D 58 -42.53 3.50 -34.79
N PRO D 59 -41.79 3.45 -35.91
CA PRO D 59 -41.52 2.24 -36.68
C PRO D 59 -40.86 1.12 -35.88
N ARG D 60 -41.26 -0.12 -36.17
CA ARG D 60 -40.73 -1.28 -35.48
C ARG D 60 -39.20 -1.39 -35.54
N LYS D 61 -38.62 -1.25 -36.73
CA LYS D 61 -37.17 -1.36 -36.86
C LYS D 61 -36.40 -0.27 -36.11
N LEU D 62 -36.94 0.94 -36.09
CA LEU D 62 -36.29 2.04 -35.40
C LEU D 62 -36.20 1.66 -33.92
N ASN D 63 -37.31 1.16 -33.38
CA ASN D 63 -37.36 0.77 -31.97
C ASN D 63 -36.49 -0.43 -31.63
N GLU D 64 -36.26 -1.32 -32.60
CA GLU D 64 -35.40 -2.47 -32.34
C GLU D 64 -33.98 -1.96 -32.15
N ARG D 65 -33.55 -1.05 -33.02
CA ARG D 65 -32.22 -0.49 -32.91
C ARG D 65 -32.08 0.41 -31.68
N LEU D 66 -33.12 1.19 -31.40
CA LEU D 66 -33.11 2.09 -30.25
C LEU D 66 -33.01 1.32 -28.93
N SER D 67 -33.79 0.23 -28.82
CA SER D 67 -33.76 -0.56 -27.59
C SER D 67 -32.36 -1.14 -27.38
N LEU D 68 -31.73 -1.61 -28.46
CA LEU D 68 -30.38 -2.17 -28.32
C LEU D 68 -29.38 -1.06 -28.03
N ALA D 69 -29.59 0.10 -28.66
CA ALA D 69 -28.70 1.23 -28.46
C ALA D 69 -28.69 1.61 -26.98
N ARG D 70 -29.87 1.63 -26.38
CA ARG D 70 -29.99 1.97 -24.97
C ARG D 70 -29.19 0.99 -24.10
N ALA D 71 -29.30 -0.29 -24.40
CA ALA D 71 -28.57 -1.30 -23.63
C ALA D 71 -27.07 -1.11 -23.82
N ASN D 72 -26.64 -0.93 -25.06
CA ASN D 72 -25.22 -0.74 -25.34
C ASN D 72 -24.65 0.53 -24.71
N SER D 73 -25.49 1.53 -24.47
CA SER D 73 -25.03 2.77 -23.85
C SER D 73 -24.62 2.48 -22.42
N VAL D 74 -25.39 1.63 -21.75
CA VAL D 74 -25.10 1.26 -20.37
C VAL D 74 -23.84 0.38 -20.35
N LYS D 75 -23.76 -0.56 -21.29
CA LYS D 75 -22.60 -1.45 -21.35
C LYS D 75 -21.36 -0.62 -21.64
N SER D 76 -21.49 0.29 -22.62
CA SER D 76 -20.38 1.16 -23.01
C SER D 76 -19.86 1.98 -21.84
N ALA D 77 -20.76 2.46 -21.00
CA ALA D 77 -20.37 3.25 -19.84
C ALA D 77 -19.50 2.38 -18.92
N LEU D 78 -19.93 1.15 -18.71
CA LEU D 78 -19.20 0.21 -17.87
C LEU D 78 -17.92 -0.29 -18.53
N VAL D 79 -18.03 -0.64 -19.82
CA VAL D 79 -16.88 -1.14 -20.57
C VAL D 79 -15.81 -0.09 -20.82
N ASN D 80 -16.23 1.09 -21.28
CA ASN D 80 -15.28 2.15 -21.59
C ASN D 80 -14.89 3.07 -20.44
N GLU D 81 -15.84 3.41 -19.57
CA GLU D 81 -15.55 4.29 -18.45
C GLU D 81 -15.09 3.54 -17.20
N TYR D 82 -15.40 2.25 -17.12
CA TYR D 82 -15.02 1.46 -15.96
C TYR D 82 -14.17 0.25 -16.33
N ASN D 83 -13.66 0.26 -17.56
CA ASN D 83 -12.80 -0.83 -18.05
C ASN D 83 -13.28 -2.22 -17.62
N VAL D 84 -14.57 -2.49 -17.76
CA VAL D 84 -15.12 -3.78 -17.39
C VAL D 84 -15.12 -4.68 -18.61
N ASP D 85 -14.52 -5.86 -18.47
CA ASP D 85 -14.44 -6.81 -19.56
C ASP D 85 -15.81 -6.97 -20.23
N ALA D 86 -15.89 -6.58 -21.50
CA ALA D 86 -17.13 -6.67 -22.26
C ALA D 86 -17.70 -8.08 -22.26
N SER D 87 -16.86 -9.07 -22.02
CA SER D 87 -17.31 -10.46 -22.01
C SER D 87 -18.22 -10.71 -20.81
N ARG D 88 -18.05 -9.89 -19.77
CA ARG D 88 -18.86 -10.01 -18.56
C ARG D 88 -20.22 -9.35 -18.72
N LEU D 89 -20.35 -8.49 -19.72
CA LEU D 89 -21.59 -7.77 -19.94
C LEU D 89 -22.28 -8.15 -21.25
N SER D 90 -23.57 -8.48 -21.16
CA SER D 90 -24.35 -8.85 -22.34
C SER D 90 -25.44 -7.80 -22.58
N THR D 91 -25.73 -7.52 -23.84
CA THR D 91 -26.76 -6.54 -24.19
C THR D 91 -27.80 -7.12 -25.13
N GLN D 92 -29.03 -6.61 -25.01
CA GLN D 92 -30.12 -7.09 -25.86
C GLN D 92 -31.30 -6.13 -25.88
N GLY D 93 -31.82 -5.87 -27.08
CA GLY D 93 -32.95 -4.99 -27.23
C GLY D 93 -34.23 -5.77 -27.46
N PHE D 94 -35.32 -5.33 -26.83
CA PHE D 94 -36.60 -6.00 -26.95
C PHE D 94 -37.64 -5.12 -27.62
N ALA D 95 -37.21 -3.97 -28.15
CA ALA D 95 -38.15 -3.06 -28.79
C ALA D 95 -39.26 -2.79 -27.78
N TRP D 96 -40.51 -2.90 -28.22
CA TRP D 96 -41.65 -2.66 -27.35
C TRP D 96 -42.34 -3.96 -26.90
N ASP D 97 -41.63 -5.08 -26.99
CA ASP D 97 -42.21 -6.37 -26.63
C ASP D 97 -42.39 -6.65 -25.13
N GLN D 98 -41.62 -5.99 -24.28
CA GLN D 98 -41.73 -6.23 -22.84
C GLN D 98 -42.07 -4.97 -22.05
N PRO D 99 -43.30 -4.45 -22.23
CA PRO D 99 -43.72 -3.26 -21.50
C PRO D 99 -44.01 -3.55 -20.03
N ILE D 100 -43.70 -2.58 -19.16
CA ILE D 100 -43.95 -2.74 -17.74
C ILE D 100 -45.04 -1.76 -17.32
N ALA D 101 -45.49 -0.96 -18.29
CA ALA D 101 -46.53 0.03 -18.05
C ALA D 101 -47.40 0.22 -19.28
N ASP D 102 -48.48 0.99 -19.11
CA ASP D 102 -49.45 1.28 -20.16
C ASP D 102 -48.91 2.26 -21.20
N ASN D 103 -48.75 1.81 -22.44
CA ASN D 103 -48.25 2.68 -23.50
C ASN D 103 -49.27 3.74 -23.90
N LYS D 104 -50.46 3.69 -23.30
CA LYS D 104 -51.51 4.65 -23.62
C LYS D 104 -51.41 5.94 -22.83
N THR D 105 -50.56 5.97 -21.80
CA THR D 105 -50.38 7.18 -20.99
C THR D 105 -48.95 7.67 -21.13
N LYS D 106 -48.71 8.94 -20.80
CA LYS D 106 -47.38 9.52 -20.90
C LYS D 106 -46.41 8.90 -19.89
N GLU D 107 -46.86 8.74 -18.65
CA GLU D 107 -46.00 8.15 -17.62
C GLU D 107 -45.78 6.68 -17.94
N GLY D 108 -46.74 6.09 -18.64
CA GLY D 108 -46.63 4.69 -19.01
C GLY D 108 -45.52 4.49 -20.02
N ARG D 109 -45.53 5.31 -21.07
CA ARG D 109 -44.52 5.22 -22.11
C ARG D 109 -43.16 5.58 -21.53
N ALA D 110 -43.13 6.52 -20.59
CA ALA D 110 -41.88 6.93 -19.97
C ALA D 110 -41.24 5.74 -19.25
N MET D 111 -42.06 4.96 -18.54
CA MET D 111 -41.54 3.80 -17.83
C MET D 111 -41.05 2.72 -18.78
N ASN D 112 -41.63 2.68 -19.98
CA ASN D 112 -41.23 1.68 -20.97
C ASN D 112 -39.92 2.00 -21.69
N ARG D 113 -39.57 3.28 -21.73
CA ARG D 113 -38.31 3.70 -22.37
C ARG D 113 -37.26 3.46 -21.29
N ARG D 114 -36.75 2.23 -21.22
CA ARG D 114 -35.82 1.89 -20.16
C ARG D 114 -34.80 0.81 -20.50
N VAL D 115 -33.86 0.65 -19.57
CA VAL D 115 -32.85 -0.38 -19.64
C VAL D 115 -32.87 -1.01 -18.26
N PHE D 116 -33.09 -2.32 -18.22
CA PHE D 116 -33.12 -3.07 -16.98
C PHE D 116 -31.86 -3.91 -16.98
N ALA D 117 -31.01 -3.72 -15.98
CA ALA D 117 -29.76 -4.48 -15.90
C ALA D 117 -29.76 -5.35 -14.66
N THR D 118 -29.53 -6.64 -14.87
CA THR D 118 -29.49 -7.58 -13.77
C THR D 118 -28.05 -8.08 -13.59
N ILE D 119 -27.52 -7.87 -12.40
CA ILE D 119 -26.16 -8.29 -12.08
C ILE D 119 -26.23 -9.43 -11.08
N THR D 120 -25.57 -10.54 -11.40
CA THR D 120 -25.55 -11.69 -10.51
C THR D 120 -24.15 -12.25 -10.43
N GLY D 121 -23.77 -12.69 -9.23
CA GLY D 121 -22.45 -13.26 -9.04
C GLY D 121 -22.31 -13.81 -7.63
N SER D 122 -21.16 -14.41 -7.35
CA SER D 122 -20.90 -14.97 -6.04
C SER D 122 -19.40 -15.03 -5.81
N ARG D 123 -19.00 -15.05 -4.55
CA ARG D 123 -17.59 -15.12 -4.19
C ARG D 123 -17.44 -15.98 -2.93
N MET E 4 -35.65 -14.49 6.67
CA MET E 4 -36.07 -13.14 7.18
C MET E 4 -35.73 -12.05 6.16
N GLU E 5 -36.72 -11.21 5.86
CA GLU E 5 -36.54 -10.11 4.91
C GLU E 5 -36.70 -8.81 5.66
N LEU E 6 -35.71 -7.93 5.55
CA LEU E 6 -35.75 -6.63 6.22
C LEU E 6 -35.20 -5.53 5.34
N THR E 7 -35.95 -4.46 5.18
CA THR E 7 -35.50 -3.32 4.39
C THR E 7 -36.03 -2.03 4.97
N GLU E 8 -35.22 -0.98 4.88
CA GLU E 8 -35.61 0.34 5.35
C GLU E 8 -35.31 1.24 4.17
N ASP E 9 -36.29 2.04 3.78
CA ASP E 9 -36.12 2.95 2.65
C ASP E 9 -36.00 4.40 3.11
N LEU E 10 -34.96 5.06 2.62
CA LEU E 10 -34.70 6.45 2.95
C LEU E 10 -35.11 7.35 1.78
N ASN E 11 -35.77 8.45 2.10
CA ASN E 11 -36.16 9.46 1.13
C ASN E 11 -35.95 10.80 1.80
N MET E 12 -35.08 11.62 1.21
CA MET E 12 -34.77 12.93 1.78
C MET E 12 -34.79 13.97 0.68
N GLU E 13 -35.24 15.17 1.02
CA GLU E 13 -35.26 16.27 0.08
C GLU E 13 -34.59 17.45 0.77
N LEU E 14 -33.59 18.01 0.11
CA LEU E 14 -32.84 19.14 0.65
C LEU E 14 -33.05 20.33 -0.27
N ARG E 15 -33.17 21.51 0.32
CA ARG E 15 -33.34 22.73 -0.47
C ARG E 15 -32.37 23.78 0.05
N VAL E 16 -31.59 24.37 -0.86
CA VAL E 16 -30.62 25.41 -0.51
C VAL E 16 -30.84 26.58 -1.46
N PHE E 17 -30.86 27.80 -0.92
CA PHE E 17 -31.07 28.98 -1.75
C PHE E 17 -29.83 29.86 -1.76
N PHE E 18 -29.63 30.59 -2.84
CA PHE E 18 -28.45 31.43 -3.02
C PHE E 18 -28.72 32.89 -3.32
N ASP E 19 -27.74 33.75 -3.03
CA ASP E 19 -27.87 35.16 -3.34
C ASP E 19 -27.52 35.32 -4.82
N THR E 20 -27.91 36.45 -5.40
CA THR E 20 -27.66 36.72 -6.81
C THR E 20 -26.19 36.56 -7.20
N ASN E 21 -25.97 35.79 -8.27
CA ASN E 21 -24.64 35.52 -8.81
C ASN E 21 -23.69 34.80 -7.87
N LYS E 22 -24.21 34.20 -6.80
CA LYS E 22 -23.36 33.49 -5.85
C LYS E 22 -23.67 31.99 -5.79
N SER E 23 -22.65 31.20 -5.44
CA SER E 23 -22.82 29.75 -5.35
C SER E 23 -22.32 29.21 -4.02
N ASN E 24 -22.05 30.11 -3.07
CA ASN E 24 -21.59 29.69 -1.76
C ASN E 24 -22.79 29.25 -0.93
N ILE E 25 -22.56 28.30 -0.03
CA ILE E 25 -23.64 27.81 0.85
C ILE E 25 -23.65 28.62 2.14
N LYS E 26 -24.76 29.32 2.40
CA LYS E 26 -24.87 30.10 3.62
C LYS E 26 -24.81 29.16 4.82
N ASP E 27 -24.21 29.63 5.91
CA ASP E 27 -24.08 28.80 7.11
C ASP E 27 -25.41 28.34 7.70
N GLN E 28 -26.49 29.04 7.39
CA GLN E 28 -27.79 28.66 7.91
C GLN E 28 -28.21 27.27 7.40
N TYR E 29 -27.56 26.80 6.34
CA TYR E 29 -27.88 25.49 5.76
C TYR E 29 -26.98 24.36 6.25
N LYS E 30 -25.95 24.70 7.01
CA LYS E 30 -25.02 23.69 7.51
C LYS E 30 -25.67 22.54 8.26
N PRO E 31 -26.65 22.83 9.14
CA PRO E 31 -27.30 21.74 9.88
C PRO E 31 -27.96 20.72 8.95
N GLU E 32 -28.68 21.19 7.94
CA GLU E 32 -29.35 20.30 7.01
C GLU E 32 -28.35 19.48 6.22
N ILE E 33 -27.27 20.12 5.77
CA ILE E 33 -26.26 19.41 5.02
C ILE E 33 -25.65 18.32 5.90
N ALA E 34 -25.45 18.64 7.18
CA ALA E 34 -24.89 17.66 8.11
C ALA E 34 -25.87 16.49 8.28
N LYS E 35 -27.16 16.80 8.33
CA LYS E 35 -28.19 15.79 8.47
C LYS E 35 -28.14 14.83 7.29
N VAL E 36 -27.93 15.38 6.10
CA VAL E 36 -27.85 14.58 4.89
C VAL E 36 -26.62 13.68 4.99
N ALA E 37 -25.49 14.24 5.42
CA ALA E 37 -24.27 13.45 5.55
C ALA E 37 -24.48 12.28 6.50
N GLU E 38 -25.17 12.55 7.60
CA GLU E 38 -25.44 11.51 8.60
C GLU E 38 -26.23 10.37 8.00
N LYS E 39 -27.30 10.69 7.28
CA LYS E 39 -28.13 9.66 6.67
C LYS E 39 -27.39 8.92 5.57
N LEU E 40 -26.51 9.61 4.85
CA LEU E 40 -25.75 8.94 3.80
C LEU E 40 -24.82 7.93 4.43
N SER E 41 -24.47 8.14 5.70
CA SER E 41 -23.59 7.23 6.41
C SER E 41 -24.41 6.06 6.96
N GLU E 42 -25.63 6.35 7.40
CA GLU E 42 -26.52 5.33 7.95
C GLU E 42 -27.08 4.41 6.85
N TYR E 43 -27.15 4.95 5.63
CA TYR E 43 -27.62 4.20 4.46
C TYR E 43 -26.48 4.30 3.46
N PRO E 44 -25.39 3.55 3.71
CA PRO E 44 -24.19 3.53 2.86
C PRO E 44 -24.39 3.35 1.37
N ASN E 45 -25.54 2.81 0.96
CA ASN E 45 -25.79 2.61 -0.46
C ASN E 45 -26.64 3.71 -1.10
N ALA E 46 -27.17 4.62 -0.28
CA ALA E 46 -27.99 5.69 -0.81
C ALA E 46 -27.18 6.60 -1.73
N THR E 47 -27.87 7.27 -2.66
CA THR E 47 -27.22 8.18 -3.59
C THR E 47 -27.97 9.50 -3.56
N ALA E 48 -27.37 10.53 -4.11
CA ALA E 48 -28.00 11.84 -4.14
C ALA E 48 -27.99 12.45 -5.53
N ARG E 49 -29.12 13.06 -5.87
CA ARG E 49 -29.30 13.73 -7.15
C ARG E 49 -29.37 15.21 -6.79
N ILE E 50 -28.29 15.94 -7.07
CA ILE E 50 -28.21 17.35 -6.74
C ILE E 50 -28.39 18.20 -7.99
N GLU E 51 -29.38 19.08 -7.99
CA GLU E 51 -29.65 19.90 -9.17
C GLU E 51 -29.69 21.40 -8.84
N GLY E 52 -28.88 22.16 -9.57
CA GLY E 52 -28.79 23.60 -9.36
C GLY E 52 -29.59 24.41 -10.36
N HIS E 53 -29.99 25.62 -9.96
CA HIS E 53 -30.79 26.50 -10.81
C HIS E 53 -30.45 27.97 -10.61
N THR E 54 -30.95 28.81 -11.51
CA THR E 54 -30.74 30.25 -11.43
C THR E 54 -32.05 30.95 -11.79
N ASP E 55 -32.15 32.24 -11.50
CA ASP E 55 -33.34 32.96 -11.92
C ASP E 55 -33.03 33.29 -13.38
N ASN E 56 -33.90 34.01 -14.06
CA ASN E 56 -33.67 34.28 -15.47
C ASN E 56 -32.91 35.57 -15.83
N THR E 57 -32.19 36.15 -14.87
CA THR E 57 -31.44 37.37 -15.15
C THR E 57 -30.03 37.07 -15.64
N GLY E 58 -29.56 37.82 -16.64
CA GLY E 58 -28.23 37.61 -17.16
C GLY E 58 -28.12 36.65 -18.32
N PRO E 59 -26.92 36.52 -18.92
CA PRO E 59 -26.62 35.66 -20.06
C PRO E 59 -26.73 34.16 -19.75
N ARG E 60 -27.13 33.39 -20.77
CA ARG E 60 -27.30 31.95 -20.65
C ARG E 60 -26.10 31.16 -20.12
N LYS E 61 -24.95 31.31 -20.78
CA LYS E 61 -23.76 30.57 -20.36
C LYS E 61 -23.37 30.84 -18.91
N LEU E 62 -23.43 32.09 -18.49
CA LEU E 62 -23.10 32.45 -17.11
C LEU E 62 -24.01 31.67 -16.16
N ASN E 63 -25.30 31.61 -16.51
CA ASN E 63 -26.29 30.91 -15.69
C ASN E 63 -26.16 29.40 -15.75
N GLU E 64 -25.74 28.88 -16.90
CA GLU E 64 -25.57 27.45 -17.01
C GLU E 64 -24.45 27.06 -16.07
N ARG E 65 -23.37 27.83 -16.09
CA ARG E 65 -22.24 27.56 -15.22
C ARG E 65 -22.58 27.81 -13.75
N LEU E 66 -23.35 28.87 -13.49
CA LEU E 66 -23.73 29.20 -12.12
C LEU E 66 -24.62 28.12 -11.52
N SER E 67 -25.59 27.66 -12.30
CA SER E 67 -26.49 26.62 -11.78
C SER E 67 -25.66 25.38 -11.44
N LEU E 68 -24.72 25.03 -12.31
CA LEU E 68 -23.88 23.87 -12.05
C LEU E 68 -22.99 24.11 -10.82
N ALA E 69 -22.45 25.32 -10.72
CA ALA E 69 -21.60 25.66 -9.58
C ALA E 69 -22.35 25.51 -8.27
N ARG E 70 -23.61 25.90 -8.26
CA ARG E 70 -24.42 25.79 -7.05
C ARG E 70 -24.58 24.32 -6.65
N ALA E 71 -24.83 23.46 -7.64
CA ALA E 71 -24.99 22.05 -7.36
C ALA E 71 -23.66 21.49 -6.84
N ASN E 72 -22.56 21.86 -7.49
CA ASN E 72 -21.26 21.36 -7.03
C ASN E 72 -20.84 21.89 -5.66
N SER E 73 -21.39 23.02 -5.24
CA SER E 73 -21.02 23.54 -3.91
C SER E 73 -21.62 22.62 -2.86
N VAL E 74 -22.81 22.09 -3.14
CA VAL E 74 -23.46 21.19 -2.20
C VAL E 74 -22.71 19.86 -2.20
N LYS E 75 -22.32 19.38 -3.38
CA LYS E 75 -21.58 18.13 -3.47
C LYS E 75 -20.23 18.28 -2.77
N SER E 76 -19.56 19.42 -2.97
CA SER E 76 -18.26 19.67 -2.37
C SER E 76 -18.31 19.71 -0.85
N ALA E 77 -19.40 20.26 -0.31
CA ALA E 77 -19.55 20.33 1.13
C ALA E 77 -19.61 18.91 1.71
N LEU E 78 -20.40 18.06 1.05
CA LEU E 78 -20.54 16.68 1.51
C LEU E 78 -19.22 15.93 1.44
N VAL E 79 -18.50 16.08 0.33
CA VAL E 79 -17.23 15.40 0.12
C VAL E 79 -16.09 15.96 0.97
N ASN E 80 -15.91 17.27 0.91
CA ASN E 80 -14.83 17.93 1.66
C ASN E 80 -15.00 17.96 3.16
N GLU E 81 -16.22 18.23 3.61
CA GLU E 81 -16.50 18.35 5.03
C GLU E 81 -16.97 17.10 5.75
N TYR E 82 -17.59 16.17 5.03
CA TYR E 82 -18.09 14.96 5.66
C TYR E 82 -17.55 13.65 5.10
N ASN E 83 -16.54 13.75 4.24
CA ASN E 83 -15.92 12.55 3.68
C ASN E 83 -16.87 11.64 2.92
N VAL E 84 -17.92 12.20 2.33
CA VAL E 84 -18.86 11.39 1.58
C VAL E 84 -18.20 11.01 0.25
N ASP E 85 -18.39 9.77 -0.17
CA ASP E 85 -17.83 9.30 -1.44
C ASP E 85 -18.47 10.09 -2.57
N ALA E 86 -17.65 10.85 -3.31
CA ALA E 86 -18.16 11.68 -4.40
C ALA E 86 -18.97 10.95 -5.47
N SER E 87 -18.63 9.69 -5.72
CA SER E 87 -19.33 8.92 -6.76
C SER E 87 -20.79 8.62 -6.44
N ARG E 88 -21.18 8.84 -5.18
CA ARG E 88 -22.56 8.59 -4.75
C ARG E 88 -23.45 9.78 -5.04
N LEU E 89 -22.83 10.88 -5.47
CA LEU E 89 -23.53 12.14 -5.71
C LEU E 89 -23.46 12.63 -7.15
N SER E 90 -24.60 12.98 -7.72
CA SER E 90 -24.61 13.52 -9.08
C SER E 90 -24.93 15.00 -9.00
N THR E 91 -24.37 15.78 -9.92
CA THR E 91 -24.64 17.22 -9.97
C THR E 91 -24.97 17.61 -11.40
N GLN E 92 -25.90 18.56 -11.54
CA GLN E 92 -26.32 19.03 -12.84
C GLN E 92 -26.95 20.41 -12.66
N GLY E 93 -26.72 21.29 -13.63
CA GLY E 93 -27.28 22.63 -13.58
C GLY E 93 -28.32 22.77 -14.67
N PHE E 94 -29.41 23.47 -14.37
CA PHE E 94 -30.48 23.64 -15.33
C PHE E 94 -30.72 25.10 -15.70
N ALA E 95 -29.77 25.96 -15.33
CA ALA E 95 -29.90 27.39 -15.60
C ALA E 95 -31.27 27.84 -15.10
N TRP E 96 -31.99 28.62 -15.92
CA TRP E 96 -33.31 29.13 -15.54
C TRP E 96 -34.47 28.31 -16.12
N ASP E 97 -34.17 27.12 -16.63
CA ASP E 97 -35.19 26.28 -17.25
C ASP E 97 -36.28 25.69 -16.38
N GLN E 98 -36.04 25.59 -15.07
CA GLN E 98 -37.02 25.01 -14.16
C GLN E 98 -37.42 25.93 -13.02
N PRO E 99 -38.06 27.06 -13.33
CA PRO E 99 -38.46 27.99 -12.28
C PRO E 99 -39.55 27.42 -11.39
N ILE E 100 -39.54 27.80 -10.11
CA ILE E 100 -40.56 27.36 -9.17
C ILE E 100 -41.30 28.59 -8.67
N ALA E 101 -40.95 29.75 -9.22
CA ALA E 101 -41.57 31.01 -8.84
C ALA E 101 -41.46 32.05 -9.95
N ASP E 102 -42.25 33.11 -9.81
CA ASP E 102 -42.29 34.19 -10.80
C ASP E 102 -41.00 35.01 -10.87
N ASN E 103 -40.33 34.97 -12.01
CA ASN E 103 -39.08 35.71 -12.20
C ASN E 103 -39.29 37.22 -12.29
N LYS E 104 -40.55 37.64 -12.39
CA LYS E 104 -40.84 39.07 -12.49
C LYS E 104 -40.84 39.76 -11.12
N THR E 105 -40.67 38.98 -10.06
CA THR E 105 -40.65 39.53 -8.71
C THR E 105 -39.36 39.21 -7.98
N LYS E 106 -39.00 40.06 -7.03
CA LYS E 106 -37.79 39.87 -6.23
C LYS E 106 -37.88 38.56 -5.47
N GLU E 107 -39.03 38.33 -4.85
CA GLU E 107 -39.28 37.11 -4.09
C GLU E 107 -39.18 35.87 -4.96
N GLY E 108 -39.75 35.94 -6.16
CA GLY E 108 -39.73 34.80 -7.06
C GLY E 108 -38.34 34.45 -7.52
N ARG E 109 -37.57 35.46 -7.90
CA ARG E 109 -36.21 35.20 -8.35
C ARG E 109 -35.41 34.55 -7.22
N ALA E 110 -35.65 34.97 -5.99
CA ALA E 110 -34.95 34.41 -4.84
C ALA E 110 -35.23 32.91 -4.72
N MET E 111 -36.48 32.53 -5.00
CA MET E 111 -36.85 31.11 -4.93
C MET E 111 -36.19 30.31 -6.03
N ASN E 112 -35.97 30.95 -7.18
CA ASN E 112 -35.37 30.28 -8.32
C ASN E 112 -33.87 30.04 -8.22
N ARG E 113 -33.16 30.84 -7.43
CA ARG E 113 -31.72 30.68 -7.25
C ARG E 113 -31.61 29.60 -6.18
N ARG E 114 -31.54 28.35 -6.61
CA ARG E 114 -31.56 27.26 -5.64
C ARG E 114 -30.90 25.97 -6.08
N VAL E 115 -30.85 25.04 -5.14
CA VAL E 115 -30.37 23.70 -5.38
C VAL E 115 -31.38 22.80 -4.69
N PHE E 116 -31.90 21.84 -5.44
CA PHE E 116 -32.83 20.86 -4.90
C PHE E 116 -32.06 19.55 -4.95
N ALA E 117 -31.97 18.85 -3.82
CA ALA E 117 -31.28 17.58 -3.79
C ALA E 117 -32.22 16.50 -3.28
N THR E 118 -32.21 15.34 -3.93
CA THR E 118 -33.05 14.23 -3.53
C THR E 118 -32.14 13.06 -3.17
N ILE E 119 -32.29 12.56 -1.96
CA ILE E 119 -31.48 11.43 -1.49
C ILE E 119 -32.38 10.23 -1.28
N THR E 120 -32.02 9.11 -1.91
CA THR E 120 -32.81 7.90 -1.77
C THR E 120 -31.90 6.68 -1.67
N GLY E 121 -32.41 5.62 -1.05
CA GLY E 121 -31.62 4.41 -0.92
C GLY E 121 -32.24 3.50 0.12
N SER E 122 -31.77 2.26 0.17
CA SER E 122 -32.27 1.29 1.13
C SER E 122 -31.12 0.60 1.84
N ARG E 123 -31.44 -0.02 2.99
CA ARG E 123 -30.45 -0.78 3.76
C ARG E 123 -31.19 -1.98 4.35
N SER F 2 22.17 13.09 -4.56
CA SER F 2 21.07 13.29 -3.57
C SER F 2 21.52 14.24 -2.46
N HIS F 3 20.84 14.18 -1.32
CA HIS F 3 21.17 15.03 -0.18
C HIS F 3 21.94 14.21 0.85
N MET F 4 22.47 13.06 0.44
CA MET F 4 23.17 12.20 1.37
C MET F 4 24.41 11.50 0.81
N GLU F 5 25.47 11.48 1.62
CA GLU F 5 26.73 10.82 1.28
C GLU F 5 26.93 9.79 2.38
N LEU F 6 27.27 8.57 2.01
CA LEU F 6 27.47 7.51 2.99
C LEU F 6 28.56 6.55 2.55
N THR F 7 29.52 6.30 3.43
CA THR F 7 30.59 5.37 3.11
C THR F 7 31.00 4.59 4.35
N GLU F 8 31.43 3.36 4.13
CA GLU F 8 31.92 2.52 5.22
C GLU F 8 33.27 2.02 4.75
N ASP F 9 34.28 2.20 5.59
CA ASP F 9 35.64 1.78 5.25
C ASP F 9 36.03 0.55 6.04
N LEU F 10 36.45 -0.48 5.33
CA LEU F 10 36.88 -1.72 5.95
C LEU F 10 38.39 -1.77 6.10
N ASN F 11 38.85 -2.19 7.29
CA ASN F 11 40.28 -2.33 7.55
C ASN F 11 40.48 -3.64 8.31
N MET F 12 41.26 -4.54 7.75
CA MET F 12 41.53 -5.82 8.38
C MET F 12 43.01 -6.16 8.27
N GLU F 13 43.51 -6.85 9.28
CA GLU F 13 44.89 -7.32 9.24
C GLU F 13 44.86 -8.75 9.72
N LEU F 14 45.34 -9.65 8.88
CA LEU F 14 45.40 -11.07 9.21
C LEU F 14 46.87 -11.43 9.32
N ARG F 15 47.24 -12.11 10.39
CA ARG F 15 48.62 -12.52 10.59
C ARG F 15 48.67 -14.05 10.70
N VAL F 16 49.41 -14.69 9.79
CA VAL F 16 49.53 -16.15 9.79
C VAL F 16 50.99 -16.49 10.02
N PHE F 17 51.26 -17.43 10.92
CA PHE F 17 52.63 -17.82 11.19
C PHE F 17 52.91 -19.24 10.72
N PHE F 18 54.17 -19.49 10.36
CA PHE F 18 54.58 -20.76 9.80
C PHE F 18 55.73 -21.43 10.53
N ASP F 19 55.81 -22.75 10.40
CA ASP F 19 56.90 -23.49 11.00
C ASP F 19 58.09 -23.38 10.05
N THR F 20 59.27 -23.69 10.58
CA THR F 20 60.49 -23.61 9.80
C THR F 20 60.42 -24.35 8.47
N ASN F 21 60.75 -23.63 7.40
CA ASN F 21 60.76 -24.16 6.04
C ASN F 21 59.40 -24.62 5.51
N LYS F 22 58.32 -24.20 6.16
CA LYS F 22 56.97 -24.57 5.72
C LYS F 22 56.19 -23.36 5.22
N SER F 23 55.30 -23.59 4.27
CA SER F 23 54.47 -22.52 3.72
C SER F 23 53.01 -22.93 3.74
N ASN F 24 52.69 -24.01 4.46
CA ASN F 24 51.31 -24.45 4.55
C ASN F 24 50.60 -23.68 5.65
N ILE F 25 49.33 -23.39 5.43
CA ILE F 25 48.54 -22.69 6.43
C ILE F 25 47.91 -23.71 7.36
N LYS F 26 48.20 -23.60 8.65
CA LYS F 26 47.63 -24.52 9.62
C LYS F 26 46.11 -24.33 9.71
N ASP F 27 45.38 -25.43 9.91
CA ASP F 27 43.92 -25.35 9.99
C ASP F 27 43.42 -24.40 11.06
N GLN F 28 44.22 -24.15 12.08
CA GLN F 28 43.78 -23.24 13.14
C GLN F 28 43.43 -21.85 12.60
N TYR F 29 43.99 -21.50 11.45
CA TYR F 29 43.73 -20.20 10.84
C TYR F 29 42.50 -20.13 9.94
N LYS F 30 41.86 -21.28 9.71
CA LYS F 30 40.70 -21.30 8.83
C LYS F 30 39.58 -20.33 9.18
N PRO F 31 39.22 -20.21 10.48
CA PRO F 31 38.15 -19.27 10.82
C PRO F 31 38.52 -17.84 10.44
N GLU F 32 39.78 -17.46 10.68
CA GLU F 32 40.22 -16.11 10.35
C GLU F 32 40.15 -15.88 8.85
N ILE F 33 40.60 -16.87 8.08
CA ILE F 33 40.58 -16.73 6.63
C ILE F 33 39.14 -16.65 6.14
N ALA F 34 38.25 -17.42 6.75
CA ALA F 34 36.84 -17.42 6.37
C ALA F 34 36.24 -16.03 6.64
N LYS F 35 36.63 -15.41 7.75
CA LYS F 35 36.13 -14.09 8.11
C LYS F 35 36.60 -13.07 7.08
N VAL F 36 37.85 -13.22 6.63
CA VAL F 36 38.37 -12.32 5.62
C VAL F 36 37.56 -12.48 4.34
N ALA F 37 37.32 -13.73 3.93
CA ALA F 37 36.53 -13.95 2.73
C ALA F 37 35.14 -13.33 2.86
N GLU F 38 34.56 -13.47 4.05
CA GLU F 38 33.22 -12.91 4.29
C GLU F 38 33.19 -11.40 4.06
N LYS F 39 34.17 -10.71 4.63
CA LYS F 39 34.22 -9.26 4.49
C LYS F 39 34.56 -8.81 3.07
N LEU F 40 35.30 -9.65 2.33
CA LEU F 40 35.62 -9.32 0.95
C LEU F 40 34.35 -9.44 0.11
N SER F 41 33.39 -10.21 0.60
CA SER F 41 32.12 -10.36 -0.10
C SER F 41 31.21 -9.18 0.26
N GLU F 42 31.30 -8.74 1.51
CA GLU F 42 30.51 -7.62 2.00
C GLU F 42 30.99 -6.27 1.48
N TYR F 43 32.27 -6.22 1.10
CA TYR F 43 32.89 -5.03 0.55
C TYR F 43 33.50 -5.53 -0.74
N PRO F 44 32.65 -5.76 -1.76
CA PRO F 44 33.08 -6.26 -3.08
C PRO F 44 34.22 -5.55 -3.78
N ASN F 45 34.50 -4.30 -3.42
CA ASN F 45 35.58 -3.58 -4.06
C ASN F 45 36.87 -3.57 -3.25
N ALA F 46 36.84 -4.18 -2.07
CA ALA F 46 38.02 -4.22 -1.21
C ALA F 46 39.11 -5.08 -1.85
N THR F 47 40.36 -4.81 -1.49
CA THR F 47 41.48 -5.58 -2.02
C THR F 47 42.39 -6.00 -0.86
N ALA F 48 43.27 -6.95 -1.13
CA ALA F 48 44.17 -7.42 -0.09
C ALA F 48 45.63 -7.38 -0.53
N ARG F 49 46.48 -6.86 0.34
CA ARG F 49 47.92 -6.80 0.09
C ARG F 49 48.49 -7.88 1.00
N ILE F 50 48.97 -8.97 0.41
CA ILE F 50 49.50 -10.09 1.16
C ILE F 50 51.02 -10.13 1.06
N GLU F 51 51.68 -10.08 2.21
CA GLU F 51 53.14 -10.05 2.24
C GLU F 51 53.73 -11.17 3.09
N GLY F 52 54.64 -11.94 2.49
CA GLY F 52 55.27 -13.06 3.17
C GLY F 52 56.69 -12.76 3.62
N HIS F 53 57.13 -13.45 4.67
CA HIS F 53 58.45 -13.26 5.27
C HIS F 53 59.06 -14.56 5.79
N THR F 54 60.36 -14.52 6.08
CA THR F 54 61.08 -15.67 6.62
C THR F 54 61.99 -15.18 7.75
N ASP F 55 62.52 -16.09 8.54
CA ASP F 55 63.48 -15.68 9.55
C ASP F 55 64.78 -15.63 8.74
N ASN F 56 65.89 -15.27 9.37
CA ASN F 56 67.14 -15.14 8.62
C ASN F 56 68.03 -16.38 8.50
N THR F 57 67.48 -17.57 8.67
CA THR F 57 68.28 -18.79 8.55
C THR F 57 68.21 -19.39 7.16
N GLY F 58 69.35 -19.87 6.65
CA GLY F 58 69.38 -20.48 5.34
C GLY F 58 69.78 -19.54 4.23
N PRO F 59 70.01 -20.07 3.01
CA PRO F 59 70.41 -19.25 1.86
C PRO F 59 69.36 -18.25 1.42
N ARG F 60 69.84 -17.13 0.86
CA ARG F 60 68.99 -16.04 0.40
C ARG F 60 67.86 -16.38 -0.58
N LYS F 61 68.19 -16.99 -1.71
CA LYS F 61 67.16 -17.32 -2.70
C LYS F 61 66.10 -18.26 -2.15
N LEU F 62 66.52 -19.24 -1.36
CA LEU F 62 65.56 -20.18 -0.78
C LEU F 62 64.51 -19.40 0.01
N ASN F 63 64.98 -18.41 0.77
CA ASN F 63 64.08 -17.59 1.59
C ASN F 63 63.27 -16.60 0.79
N GLU F 64 63.81 -16.11 -0.32
CA GLU F 64 63.04 -15.18 -1.15
C GLU F 64 61.84 -15.98 -1.67
N ARG F 65 62.11 -17.20 -2.13
CA ARG F 65 61.05 -18.04 -2.65
C ARG F 65 60.07 -18.50 -1.57
N LEU F 66 60.59 -18.83 -0.40
CA LEU F 66 59.73 -19.29 0.69
C LEU F 66 58.80 -18.18 1.17
N SER F 67 59.30 -16.95 1.23
CA SER F 67 58.48 -15.84 1.68
C SER F 67 57.34 -15.59 0.70
N LEU F 68 57.61 -15.77 -0.59
CA LEU F 68 56.57 -15.58 -1.58
C LEU F 68 55.58 -16.74 -1.53
N ALA F 69 56.09 -17.95 -1.28
CA ALA F 69 55.23 -19.13 -1.20
C ALA F 69 54.25 -18.99 -0.06
N ARG F 70 54.70 -18.41 1.05
CA ARG F 70 53.84 -18.20 2.20
C ARG F 70 52.72 -17.26 1.83
N ALA F 71 53.05 -16.15 1.17
CA ALA F 71 52.04 -15.20 0.76
C ALA F 71 51.08 -15.85 -0.23
N ASN F 72 51.61 -16.62 -1.17
CA ASN F 72 50.74 -17.27 -2.15
C ASN F 72 49.82 -18.33 -1.55
N SER F 73 50.18 -18.91 -0.41
CA SER F 73 49.32 -19.91 0.22
C SER F 73 48.05 -19.23 0.74
N VAL F 74 48.20 -18.00 1.23
CA VAL F 74 47.03 -17.28 1.72
C VAL F 74 46.15 -16.88 0.54
N LYS F 75 46.77 -16.42 -0.55
CA LYS F 75 46.00 -16.03 -1.71
C LYS F 75 45.27 -17.25 -2.26
N SER F 76 45.97 -18.39 -2.34
CA SER F 76 45.38 -19.61 -2.84
C SER F 76 44.16 -20.05 -2.05
N ALA F 77 44.24 -19.92 -0.72
CA ALA F 77 43.13 -20.30 0.14
C ALA F 77 41.89 -19.46 -0.19
N LEU F 78 42.08 -18.14 -0.27
CA LEU F 78 40.96 -17.26 -0.58
C LEU F 78 40.36 -17.53 -1.96
N VAL F 79 41.22 -17.73 -2.94
CA VAL F 79 40.78 -17.98 -4.31
C VAL F 79 40.10 -19.32 -4.52
N ASN F 80 40.76 -20.38 -4.12
CA ASN F 80 40.24 -21.72 -4.33
C ASN F 80 39.19 -22.21 -3.36
N GLU F 81 39.36 -21.89 -2.08
CA GLU F 81 38.40 -22.33 -1.06
C GLU F 81 37.22 -21.39 -0.87
N TYR F 82 37.44 -20.09 -1.10
CA TYR F 82 36.38 -19.11 -0.88
C TYR F 82 35.92 -18.36 -2.13
N ASN F 83 36.40 -18.80 -3.28
CA ASN F 83 36.03 -18.22 -4.57
C ASN F 83 36.25 -16.72 -4.73
N VAL F 84 37.28 -16.19 -4.08
CA VAL F 84 37.56 -14.76 -4.20
C VAL F 84 38.27 -14.54 -5.53
N ASP F 85 37.95 -13.45 -6.23
CA ASP F 85 38.61 -13.14 -7.50
C ASP F 85 40.09 -12.90 -7.23
N ALA F 86 40.94 -13.68 -7.90
CA ALA F 86 42.38 -13.57 -7.74
C ALA F 86 42.93 -12.17 -8.01
N SER F 87 42.27 -11.44 -8.90
CA SER F 87 42.73 -10.09 -9.26
C SER F 87 42.64 -9.08 -8.13
N ARG F 88 41.87 -9.39 -7.08
CA ARG F 88 41.70 -8.50 -5.94
C ARG F 88 42.80 -8.68 -4.90
N LEU F 89 43.69 -9.63 -5.14
CA LEU F 89 44.74 -9.96 -4.18
C LEU F 89 46.16 -9.91 -4.75
N SER F 90 47.06 -9.23 -4.04
CA SER F 90 48.45 -9.16 -4.47
C SER F 90 49.30 -9.94 -3.48
N THR F 91 50.38 -10.53 -3.97
CA THR F 91 51.29 -11.29 -3.12
C THR F 91 52.73 -10.84 -3.36
N GLN F 92 53.52 -10.79 -2.30
CA GLN F 92 54.92 -10.38 -2.39
C GLN F 92 55.68 -10.98 -1.22
N GLY F 93 56.92 -11.40 -1.48
CA GLY F 93 57.75 -11.97 -0.44
C GLY F 93 58.92 -11.03 -0.18
N PHE F 94 59.32 -10.91 1.08
CA PHE F 94 60.43 -10.03 1.44
C PHE F 94 61.60 -10.76 2.07
N ALA F 95 61.64 -12.08 1.94
CA ALA F 95 62.70 -12.86 2.55
C ALA F 95 62.82 -12.45 4.02
N TRP F 96 64.04 -12.20 4.47
CA TRP F 96 64.27 -11.81 5.86
C TRP F 96 64.52 -10.31 6.03
N ASP F 97 64.21 -9.53 4.99
CA ASP F 97 64.46 -8.10 5.04
C ASP F 97 63.64 -7.23 5.97
N GLN F 98 62.49 -7.72 6.42
CA GLN F 98 61.65 -6.93 7.31
C GLN F 98 61.27 -7.70 8.57
N PRO F 99 62.25 -7.90 9.46
CA PRO F 99 61.94 -8.64 10.69
C PRO F 99 61.09 -7.81 11.65
N ILE F 100 60.26 -8.50 12.43
CA ILE F 100 59.45 -7.81 13.42
C ILE F 100 59.90 -8.29 14.79
N ALA F 101 60.89 -9.18 14.79
CA ALA F 101 61.43 -9.73 16.03
C ALA F 101 62.91 -10.09 15.84
N ASP F 102 63.58 -10.32 16.97
CA ASP F 102 65.01 -10.67 16.96
C ASP F 102 65.25 -12.10 16.51
N ASN F 103 65.99 -12.27 15.42
CA ASN F 103 66.29 -13.61 14.91
C ASN F 103 67.25 -14.42 15.78
N LYS F 104 67.78 -13.81 16.83
CA LYS F 104 68.71 -14.51 17.71
C LYS F 104 68.03 -15.51 18.65
N THR F 105 66.71 -15.42 18.79
CA THR F 105 65.99 -16.33 19.67
C THR F 105 65.01 -17.16 18.85
N LYS F 106 64.69 -18.36 19.33
CA LYS F 106 63.76 -19.20 18.61
C LYS F 106 62.38 -18.54 18.57
N GLU F 107 62.01 -17.84 19.63
CA GLU F 107 60.71 -17.16 19.65
C GLU F 107 60.70 -16.05 18.62
N GLY F 108 61.85 -15.39 18.45
CA GLY F 108 61.95 -14.30 17.50
C GLY F 108 61.84 -14.79 16.07
N ARG F 109 62.54 -15.88 15.76
CA ARG F 109 62.50 -16.43 14.43
C ARG F 109 61.09 -16.90 14.10
N ALA F 110 60.40 -17.45 15.10
CA ALA F 110 59.04 -17.94 14.91
C ALA F 110 58.14 -16.76 14.52
N MET F 111 58.36 -15.61 15.14
CA MET F 111 57.58 -14.41 14.84
C MET F 111 57.83 -13.93 13.41
N ASN F 112 59.06 -14.08 12.94
CA ASN F 112 59.40 -13.60 11.62
C ASN F 112 58.87 -14.46 10.46
N ARG F 113 58.63 -15.75 10.72
CA ARG F 113 58.09 -16.65 9.70
C ARG F 113 56.60 -16.36 9.65
N ARG F 114 56.23 -15.41 8.82
CA ARG F 114 54.84 -14.97 8.80
C ARG F 114 54.36 -14.40 7.47
N VAL F 115 53.06 -14.18 7.42
CA VAL F 115 52.41 -13.54 6.29
C VAL F 115 51.47 -12.54 6.96
N PHE F 116 51.51 -11.30 6.50
CA PHE F 116 50.61 -10.27 7.03
C PHE F 116 49.76 -9.90 5.83
N ALA F 117 48.45 -10.03 5.97
CA ALA F 117 47.54 -9.68 4.88
C ALA F 117 46.74 -8.47 5.35
N THR F 118 46.81 -7.40 4.59
CA THR F 118 46.11 -6.16 4.92
C THR F 118 44.99 -5.97 3.91
N ILE F 119 43.76 -5.91 4.41
CA ILE F 119 42.59 -5.75 3.56
C ILE F 119 42.01 -4.35 3.76
N THR F 120 41.81 -3.64 2.67
CA THR F 120 41.25 -2.29 2.74
C THR F 120 40.22 -2.12 1.63
N GLY F 121 39.25 -1.25 1.87
CA GLY F 121 38.22 -1.00 0.86
C GLY F 121 37.04 -0.27 1.46
N SER F 122 36.18 0.26 0.60
CA SER F 122 34.99 0.99 1.03
C SER F 122 33.76 0.54 0.28
N ARG F 123 32.59 0.85 0.85
CA ARG F 123 31.31 0.54 0.22
C ARG F 123 30.34 1.67 0.56
N GLY G 1 46.93 -16.28 21.08
CA GLY G 1 46.19 -14.98 21.08
C GLY G 1 45.60 -14.66 19.73
N SER G 2 45.00 -13.48 19.61
CA SER G 2 44.37 -13.06 18.37
C SER G 2 45.38 -12.85 17.24
N HIS G 3 45.02 -13.29 16.05
CA HIS G 3 45.88 -13.15 14.88
C HIS G 3 45.20 -12.30 13.82
N MET G 4 44.03 -11.76 14.14
CA MET G 4 43.34 -10.94 13.15
C MET G 4 42.35 -9.98 13.77
N GLU G 5 42.43 -8.72 13.34
CA GLU G 5 41.50 -7.71 13.82
C GLU G 5 40.90 -7.01 12.62
N LEU G 6 39.70 -6.49 12.80
CA LEU G 6 39.03 -5.80 11.72
C LEU G 6 38.20 -4.68 12.28
N THR G 7 38.09 -3.60 11.52
CA THR G 7 37.29 -2.45 11.93
C THR G 7 36.55 -1.94 10.70
N GLU G 8 35.45 -1.25 10.96
CA GLU G 8 34.64 -0.66 9.90
C GLU G 8 34.37 0.75 10.37
N ASP G 9 34.65 1.73 9.51
CA ASP G 9 34.42 3.13 9.86
C ASP G 9 33.26 3.69 9.07
N LEU G 10 32.32 4.30 9.77
CA LEU G 10 31.15 4.90 9.15
C LEU G 10 31.36 6.40 8.99
N ASN G 11 30.98 6.91 7.83
CA ASN G 11 31.07 8.33 7.53
C ASN G 11 29.85 8.71 6.71
N MET G 12 29.04 9.62 7.23
CA MET G 12 27.84 10.04 6.50
C MET G 12 27.67 11.53 6.60
N GLU G 13 27.10 12.11 5.54
CA GLU G 13 26.79 13.53 5.52
C GLU G 13 25.35 13.65 5.06
N LEU G 14 24.54 14.36 5.83
CA LEU G 14 23.13 14.57 5.51
C LEU G 14 22.93 16.06 5.31
N ARG G 15 22.18 16.42 4.27
CA ARG G 15 21.91 17.82 3.99
C ARG G 15 20.39 17.97 3.87
N VAL G 16 19.81 18.85 4.69
CA VAL G 16 18.37 19.10 4.66
C VAL G 16 18.17 20.58 4.40
N PHE G 17 17.23 20.93 3.54
CA PHE G 17 17.00 22.34 3.22
C PHE G 17 15.63 22.81 3.68
N PHE G 18 15.54 24.11 3.98
CA PHE G 18 14.31 24.70 4.51
C PHE G 18 13.79 25.93 3.77
N ASP G 19 12.50 26.18 3.93
CA ASP G 19 11.87 27.34 3.33
C ASP G 19 12.15 28.53 4.24
N THR G 20 11.95 29.73 3.73
CA THR G 20 12.20 30.95 4.49
C THR G 20 11.46 30.99 5.82
N ASN G 21 12.21 31.30 6.87
CA ASN G 21 11.72 31.38 8.24
C ASN G 21 11.02 30.13 8.76
N LYS G 22 11.34 28.97 8.18
CA LYS G 22 10.72 27.72 8.62
C LYS G 22 11.78 26.72 9.03
N SER G 23 11.39 25.79 9.91
CA SER G 23 12.32 24.77 10.41
C SER G 23 11.72 23.37 10.33
N ASN G 24 10.66 23.23 9.55
CA ASN G 24 10.01 21.93 9.38
C ASN G 24 10.81 21.08 8.40
N ILE G 25 10.74 19.77 8.58
CA ILE G 25 11.43 18.84 7.68
C ILE G 25 10.42 18.37 6.65
N LYS G 26 10.61 18.75 5.39
CA LYS G 26 9.67 18.35 4.33
C LYS G 26 9.71 16.83 4.09
N ASP G 27 8.61 16.29 3.57
CA ASP G 27 8.49 14.86 3.32
C ASP G 27 9.65 14.24 2.52
N GLN G 28 10.13 14.96 1.51
CA GLN G 28 11.20 14.43 0.67
C GLN G 28 12.48 14.06 1.38
N TYR G 29 12.70 14.63 2.57
CA TYR G 29 13.94 14.35 3.30
C TYR G 29 13.86 13.15 4.24
N LYS G 30 12.68 12.56 4.38
CA LYS G 30 12.52 11.43 5.28
C LYS G 30 13.35 10.18 4.98
N PRO G 31 13.46 9.81 3.70
CA PRO G 31 14.27 8.61 3.41
C PRO G 31 15.71 8.73 3.89
N GLU G 32 16.31 9.90 3.70
CA GLU G 32 17.69 10.08 4.11
C GLU G 32 17.83 10.10 5.63
N ILE G 33 16.86 10.69 6.31
CA ILE G 33 16.89 10.71 7.77
C ILE G 33 16.74 9.26 8.27
N ALA G 34 15.90 8.49 7.59
CA ALA G 34 15.70 7.08 7.94
C ALA G 34 17.00 6.31 7.78
N LYS G 35 17.77 6.64 6.73
CA LYS G 35 19.02 5.94 6.49
C LYS G 35 20.01 6.27 7.61
N VAL G 36 20.02 7.53 8.04
CA VAL G 36 20.91 7.94 9.12
C VAL G 36 20.57 7.13 10.37
N ALA G 37 19.28 7.01 10.67
CA ALA G 37 18.86 6.26 11.86
C ALA G 37 19.29 4.80 11.73
N GLU G 38 19.19 4.26 10.52
CA GLU G 38 19.59 2.87 10.28
C GLU G 38 21.07 2.67 10.59
N LYS G 39 21.93 3.54 10.06
CA LYS G 39 23.36 3.40 10.30
C LYS G 39 23.73 3.60 11.77
N LEU G 40 23.01 4.49 12.46
CA LEU G 40 23.29 4.72 13.87
C LEU G 40 22.94 3.46 14.68
N SER G 41 22.01 2.67 14.15
CA SER G 41 21.60 1.43 14.80
C SER G 41 22.66 0.36 14.55
N GLU G 42 23.25 0.39 13.36
CA GLU G 42 24.28 -0.58 12.98
C GLU G 42 25.65 -0.27 13.59
N TYR G 43 25.86 0.98 13.96
CA TYR G 43 27.11 1.43 14.57
C TYR G 43 26.76 2.08 15.90
N PRO G 44 26.53 1.27 16.94
CA PRO G 44 26.17 1.76 18.28
C PRO G 44 27.03 2.88 18.86
N ASN G 45 28.31 2.95 18.49
CA ASN G 45 29.16 4.01 19.01
C ASN G 45 29.20 5.25 18.14
N ALA G 46 28.45 5.25 17.04
CA ALA G 46 28.45 6.41 16.16
C ALA G 46 27.65 7.55 16.78
N THR G 47 27.96 8.77 16.37
CA THR G 47 27.25 9.95 16.84
C THR G 47 27.10 10.90 15.66
N ALA G 48 26.24 11.89 15.80
CA ALA G 48 26.02 12.85 14.73
C ALA G 48 26.21 14.27 15.25
N ARG G 49 26.83 15.10 14.43
CA ARG G 49 27.05 16.51 14.74
C ARG G 49 26.10 17.22 13.77
N ILE G 50 24.99 17.74 14.29
CA ILE G 50 23.98 18.40 13.47
C ILE G 50 24.13 19.91 13.55
N GLU G 51 24.30 20.56 12.41
CA GLU G 51 24.51 22.00 12.39
C GLU G 51 23.51 22.75 11.50
N GLY G 52 22.86 23.75 12.08
CA GLY G 52 21.86 24.53 11.37
C GLY G 52 22.37 25.87 10.87
N HIS G 53 21.75 26.36 9.79
CA HIS G 53 22.17 27.60 9.13
C HIS G 53 20.97 28.37 8.57
N THR G 54 21.21 29.64 8.24
CA THR G 54 20.17 30.50 7.65
C THR G 54 20.78 31.30 6.52
N ASP G 55 19.95 31.90 5.67
CA ASP G 55 20.50 32.77 4.65
C ASP G 55 20.68 34.08 5.43
N ASN G 56 21.23 35.12 4.83
CA ASN G 56 21.47 36.34 5.59
C ASN G 56 20.37 37.41 5.65
N THR G 57 19.13 37.03 5.36
CA THR G 57 18.05 38.01 5.42
C THR G 57 17.46 38.06 6.83
N GLY G 58 17.09 39.25 7.30
CA GLY G 58 16.50 39.35 8.62
C GLY G 58 17.43 39.65 9.77
N PRO G 59 16.87 39.94 10.97
CA PRO G 59 17.63 40.24 12.19
C PRO G 59 18.59 39.15 12.62
N ARG G 60 19.71 39.59 13.20
CA ARG G 60 20.73 38.66 13.68
C ARG G 60 20.18 37.64 14.67
N LYS G 61 19.46 38.11 15.69
CA LYS G 61 18.94 37.18 16.69
C LYS G 61 17.93 36.18 16.14
N LEU G 62 17.08 36.63 15.23
CA LEU G 62 16.10 35.71 14.65
C LEU G 62 16.85 34.57 13.97
N ASN G 63 17.90 34.90 13.23
CA ASN G 63 18.66 33.87 12.52
C ASN G 63 19.49 32.97 13.41
N GLU G 64 19.98 33.51 14.52
CA GLU G 64 20.73 32.69 15.45
C GLU G 64 19.76 31.63 15.98
N ARG G 65 18.57 32.05 16.39
CA ARG G 65 17.59 31.11 16.93
C ARG G 65 17.02 30.17 15.87
N LEU G 66 16.83 30.67 14.65
CA LEU G 66 16.28 29.86 13.58
C LEU G 66 17.24 28.75 13.16
N SER G 67 18.53 29.10 13.09
CA SER G 67 19.54 28.13 12.70
C SER G 67 19.56 26.98 13.71
N LEU G 68 19.46 27.31 15.00
CA LEU G 68 19.45 26.27 16.01
C LEU G 68 18.15 25.47 15.95
N ALA G 69 17.02 26.14 15.69
CA ALA G 69 15.75 25.43 15.60
C ALA G 69 15.78 24.41 14.47
N ARG G 70 16.43 24.76 13.37
CA ARG G 70 16.54 23.85 12.23
C ARG G 70 17.32 22.60 12.64
N ALA G 71 18.45 22.81 13.33
CA ALA G 71 19.26 21.69 13.76
C ALA G 71 18.45 20.83 14.74
N ASN G 72 17.73 21.48 15.65
CA ASN G 72 16.93 20.73 16.60
C ASN G 72 15.76 19.98 15.98
N SER G 73 15.28 20.46 14.84
CA SER G 73 14.18 19.79 14.16
C SER G 73 14.67 18.46 13.60
N VAL G 74 15.89 18.45 13.07
CA VAL G 74 16.45 17.22 12.54
C VAL G 74 16.73 16.26 13.70
N LYS G 75 17.23 16.78 14.82
CA LYS G 75 17.50 15.92 15.97
C LYS G 75 16.18 15.33 16.45
N SER G 76 15.16 16.17 16.51
CA SER G 76 13.84 15.74 16.97
C SER G 76 13.29 14.61 16.10
N ALA G 77 13.51 14.71 14.80
CA ALA G 77 13.04 13.67 13.89
C ALA G 77 13.72 12.34 14.24
N LEU G 78 15.03 12.38 14.42
CA LEU G 78 15.77 11.17 14.76
C LEU G 78 15.35 10.60 16.10
N VAL G 79 15.17 11.46 17.09
CA VAL G 79 14.77 11.01 18.42
C VAL G 79 13.34 10.49 18.51
N ASN G 80 12.39 11.28 18.01
CA ASN G 80 10.98 10.92 18.10
C ASN G 80 10.42 9.92 17.09
N GLU G 81 10.80 10.05 15.83
CA GLU G 81 10.30 9.15 14.80
C GLU G 81 11.14 7.88 14.65
N TYR G 82 12.43 7.98 14.94
CA TYR G 82 13.30 6.82 14.78
C TYR G 82 13.93 6.28 16.06
N ASN G 83 13.53 6.82 17.20
CA ASN G 83 14.02 6.37 18.50
C ASN G 83 15.53 6.37 18.73
N VAL G 84 16.22 7.34 18.16
CA VAL G 84 17.67 7.43 18.36
C VAL G 84 17.89 8.14 19.70
N ASP G 85 18.84 7.64 20.49
CA ASP G 85 19.14 8.25 21.79
C ASP G 85 19.68 9.67 21.59
N ALA G 86 19.01 10.64 22.19
CA ALA G 86 19.37 12.04 22.06
C ALA G 86 20.81 12.38 22.47
N SER G 87 21.40 11.59 23.36
CA SER G 87 22.76 11.84 23.81
C SER G 87 23.81 11.57 22.73
N ARG G 88 23.39 10.96 21.64
CA ARG G 88 24.33 10.66 20.54
C ARG G 88 24.28 11.74 19.49
N LEU G 89 23.46 12.76 19.72
CA LEU G 89 23.25 13.82 18.74
C LEU G 89 23.49 15.22 19.29
N SER G 90 24.41 15.97 18.70
CA SER G 90 24.67 17.34 19.14
C SER G 90 24.03 18.29 18.14
N THR G 91 23.62 19.47 18.62
CA THR G 91 23.02 20.46 17.73
C THR G 91 23.66 21.81 18.00
N GLN G 92 23.81 22.58 16.94
CA GLN G 92 24.37 23.92 17.03
C GLN G 92 23.90 24.73 15.84
N GLY G 93 23.64 26.02 16.07
CA GLY G 93 23.20 26.90 15.00
C GLY G 93 24.31 27.90 14.70
N PHE G 94 24.50 28.22 13.43
CA PHE G 94 25.54 29.15 13.03
C PHE G 94 25.00 30.40 12.36
N ALA G 95 23.70 30.66 12.51
CA ALA G 95 23.08 31.82 11.89
C ALA G 95 23.49 31.83 10.41
N TRP G 96 23.89 32.99 9.92
CA TRP G 96 24.29 33.12 8.52
C TRP G 96 25.81 33.14 8.36
N ASP G 97 26.52 32.74 9.41
CA ASP G 97 27.98 32.79 9.42
C ASP G 97 28.75 31.82 8.53
N GLN G 98 28.10 30.75 8.08
CA GLN G 98 28.76 29.76 7.25
C GLN G 98 28.02 29.49 5.95
N PRO G 99 27.95 30.49 5.06
CA PRO G 99 27.25 30.30 3.80
C PRO G 99 28.00 29.35 2.87
N ILE G 100 27.25 28.60 2.05
CA ILE G 100 27.86 27.71 1.08
C ILE G 100 27.56 28.25 -0.31
N ALA G 101 26.75 29.30 -0.34
CA ALA G 101 26.38 29.95 -1.60
C ALA G 101 26.19 31.45 -1.39
N ASP G 102 26.16 32.19 -2.50
CA ASP G 102 25.99 33.64 -2.45
C ASP G 102 24.54 34.02 -2.10
N ASN G 103 24.37 34.83 -1.07
CA ASN G 103 23.04 35.25 -0.64
C ASN G 103 22.35 36.23 -1.60
N LYS G 104 23.03 36.58 -2.68
CA LYS G 104 22.47 37.54 -3.64
C LYS G 104 21.36 36.94 -4.52
N THR G 105 21.35 35.63 -4.70
CA THR G 105 20.34 34.99 -5.54
C THR G 105 19.37 34.13 -4.72
N LYS G 106 18.23 33.81 -5.31
CA LYS G 106 17.23 32.98 -4.63
C LYS G 106 17.76 31.58 -4.39
N GLU G 107 18.42 31.00 -5.40
CA GLU G 107 18.96 29.65 -5.25
C GLU G 107 20.11 29.65 -4.25
N GLY G 108 20.86 30.73 -4.19
CA GLY G 108 21.96 30.80 -3.24
C GLY G 108 21.42 30.83 -1.82
N ARG G 109 20.38 31.63 -1.60
CA ARG G 109 19.79 31.74 -0.28
C ARG G 109 19.18 30.39 0.12
N ALA G 110 18.58 29.71 -0.85
CA ALA G 110 17.96 28.40 -0.60
C ALA G 110 19.02 27.41 -0.12
N MET G 111 20.20 27.44 -0.74
CA MET G 111 21.26 26.53 -0.32
C MET G 111 21.75 26.85 1.09
N ASN G 112 21.66 28.12 1.48
CA ASN G 112 22.12 28.51 2.81
C ASN G 112 21.16 28.17 3.93
N ARG G 113 19.87 28.03 3.61
CA ARG G 113 18.86 27.66 4.62
C ARG G 113 18.94 26.15 4.73
N ARG G 114 19.85 25.67 5.58
CA ARG G 114 20.07 24.23 5.66
C ARG G 114 20.54 23.72 7.00
N VAL G 115 20.57 22.39 7.09
CA VAL G 115 21.12 21.70 8.25
C VAL G 115 22.08 20.71 7.58
N PHE G 116 23.28 20.62 8.12
CA PHE G 116 24.27 19.68 7.61
C PHE G 116 24.58 18.80 8.81
N ALA G 117 24.44 17.49 8.63
CA ALA G 117 24.72 16.56 9.72
C ALA G 117 25.85 15.62 9.32
N THR G 118 26.85 15.54 10.19
CA THR G 118 27.98 14.67 9.96
C THR G 118 27.88 13.52 10.95
N ILE G 119 27.81 12.31 10.43
CA ILE G 119 27.72 11.11 11.27
C ILE G 119 29.03 10.35 11.16
N THR G 120 29.61 9.99 12.29
CA THR G 120 30.85 9.23 12.29
C THR G 120 30.83 8.20 13.41
N GLY G 121 31.60 7.14 13.21
CA GLY G 121 31.66 6.08 14.20
C GLY G 121 32.35 4.87 13.62
N SER G 122 32.59 3.87 14.45
CA SER G 122 33.25 2.66 13.99
C SER G 122 32.76 1.47 14.82
N ARG G 123 33.05 0.26 14.32
CA ARG G 123 32.67 -0.95 15.01
C ARG G 123 33.68 -2.05 14.67
N HIS H 3 -35.78 23.50 5.51
CA HIS H 3 -35.24 23.29 4.14
C HIS H 3 -34.87 21.84 3.90
N MET H 4 -35.45 20.93 4.68
CA MET H 4 -35.13 19.52 4.53
C MET H 4 -36.16 18.63 5.22
N GLU H 5 -36.65 17.64 4.50
CA GLU H 5 -37.61 16.68 5.04
C GLU H 5 -37.12 15.30 4.70
N LEU H 6 -37.40 14.34 5.58
CA LEU H 6 -36.96 12.97 5.32
C LEU H 6 -37.90 11.97 5.95
N THR H 7 -37.93 10.78 5.37
CA THR H 7 -38.76 9.70 5.86
C THR H 7 -37.98 8.40 5.75
N GLU H 8 -38.27 7.48 6.65
CA GLU H 8 -37.63 6.16 6.64
C GLU H 8 -38.78 5.18 6.76
N ASP H 9 -38.88 4.27 5.80
CA ASP H 9 -39.95 3.28 5.79
C ASP H 9 -39.45 1.88 6.07
N LEU H 10 -40.09 1.22 7.03
CA LEU H 10 -39.72 -0.14 7.44
C LEU H 10 -40.65 -1.18 6.82
N ASN H 11 -40.05 -2.21 6.22
CA ASN H 11 -40.80 -3.32 5.64
C ASN H 11 -40.04 -4.57 6.04
N MET H 12 -40.71 -5.49 6.71
CA MET H 12 -40.02 -6.68 7.17
C MET H 12 -40.95 -7.89 7.12
N GLU H 13 -40.37 -9.06 6.87
CA GLU H 13 -41.16 -10.29 6.83
C GLU H 13 -40.46 -11.37 7.62
N LEU H 14 -41.12 -11.82 8.69
CA LEU H 14 -40.61 -12.86 9.56
C LEU H 14 -41.22 -14.19 9.13
N ARG H 15 -40.41 -15.23 9.11
CA ARG H 15 -40.87 -16.56 8.72
C ARG H 15 -40.47 -17.57 9.79
N VAL H 16 -41.45 -18.17 10.45
CA VAL H 16 -41.18 -19.17 11.48
C VAL H 16 -41.83 -20.48 11.02
N PHE H 17 -41.14 -21.59 11.20
CA PHE H 17 -41.66 -22.89 10.78
C PHE H 17 -41.90 -23.80 11.97
N PHE H 18 -42.82 -24.74 11.83
CA PHE H 18 -43.21 -25.63 12.92
C PHE H 18 -43.20 -27.12 12.58
N ASP H 19 -43.04 -27.93 13.62
CA ASP H 19 -43.07 -29.38 13.44
C ASP H 19 -44.54 -29.79 13.35
N THR H 20 -44.78 -30.94 12.76
CA THR H 20 -46.14 -31.45 12.59
C THR H 20 -46.94 -31.46 13.89
N ASN H 21 -48.14 -30.87 13.82
CA ASN H 21 -49.06 -30.80 14.93
C ASN H 21 -48.56 -29.98 16.11
N LYS H 22 -47.52 -29.17 15.89
CA LYS H 22 -46.95 -28.35 16.95
C LYS H 22 -47.10 -26.85 16.70
N SER H 23 -47.25 -26.07 17.78
CA SER H 23 -47.36 -24.62 17.65
C SER H 23 -46.34 -23.92 18.54
N ASN H 24 -45.34 -24.67 19.01
CA ASN H 24 -44.30 -24.08 19.86
C ASN H 24 -43.25 -23.40 18.99
N ILE H 25 -42.59 -22.38 19.54
CA ILE H 25 -41.56 -21.65 18.82
C ILE H 25 -40.21 -22.32 19.07
N LYS H 26 -39.63 -22.94 18.04
CA LYS H 26 -38.34 -23.60 18.21
C LYS H 26 -37.26 -22.55 18.44
N ASP H 27 -36.29 -22.87 19.29
CA ASP H 27 -35.23 -21.93 19.63
C ASP H 27 -34.47 -21.32 18.46
N GLN H 28 -34.34 -22.05 17.36
CA GLN H 28 -33.61 -21.52 16.20
C GLN H 28 -34.24 -20.28 15.60
N TYR H 29 -35.50 -20.01 15.94
CA TYR H 29 -36.18 -18.83 15.40
C TYR H 29 -36.16 -17.61 16.30
N LYS H 30 -35.61 -17.75 17.49
CA LYS H 30 -35.57 -16.63 18.43
C LYS H 30 -34.76 -15.44 17.92
N PRO H 31 -33.62 -15.68 17.23
CA PRO H 31 -32.85 -14.55 16.75
C PRO H 31 -33.64 -13.63 15.82
N GLU H 32 -34.44 -14.22 14.94
CA GLU H 32 -35.23 -13.43 14.00
C GLU H 32 -36.39 -12.74 14.70
N ILE H 33 -36.96 -13.38 15.71
CA ILE H 33 -38.06 -12.78 16.46
C ILE H 33 -37.48 -11.60 17.24
N ALA H 34 -36.27 -11.75 17.76
CA ALA H 34 -35.62 -10.69 18.50
C ALA H 34 -35.38 -9.49 17.59
N LYS H 35 -35.03 -9.77 16.34
CA LYS H 35 -34.78 -8.71 15.36
C LYS H 35 -36.07 -7.94 15.08
N VAL H 36 -37.19 -8.65 15.02
CA VAL H 36 -38.47 -7.98 14.77
C VAL H 36 -38.78 -7.05 15.95
N ALA H 37 -38.60 -7.55 17.16
CA ALA H 37 -38.85 -6.73 18.35
C ALA H 37 -37.99 -5.47 18.31
N GLU H 38 -36.73 -5.63 17.90
CA GLU H 38 -35.82 -4.48 17.81
C GLU H 38 -36.35 -3.42 16.85
N LYS H 39 -36.74 -3.85 15.65
CA LYS H 39 -37.25 -2.91 14.67
C LYS H 39 -38.57 -2.28 15.10
N LEU H 40 -39.38 -3.03 15.84
CA LEU H 40 -40.64 -2.49 16.32
C LEU H 40 -40.39 -1.36 17.30
N SER H 41 -39.30 -1.43 18.05
CA SER H 41 -38.98 -0.38 19.02
C SER H 41 -38.37 0.83 18.31
N GLU H 42 -37.70 0.59 17.19
CA GLU H 42 -37.08 1.68 16.44
C GLU H 42 -38.12 2.43 15.61
N TYR H 43 -39.23 1.76 15.30
CA TYR H 43 -40.33 2.35 14.53
C TYR H 43 -41.61 2.24 15.36
N PRO H 44 -41.79 3.15 16.33
CA PRO H 44 -42.95 3.21 17.23
C PRO H 44 -44.31 2.95 16.61
N ASN H 45 -44.57 3.49 15.42
CA ASN H 45 -45.87 3.29 14.80
C ASN H 45 -46.01 2.01 13.99
N ALA H 46 -44.95 1.22 13.91
CA ALA H 46 -45.00 -0.02 13.14
C ALA H 46 -45.95 -1.03 13.78
N THR H 47 -46.53 -1.87 12.93
CA THR H 47 -47.44 -2.92 13.38
C THR H 47 -47.07 -4.20 12.65
N ALA H 48 -47.56 -5.31 13.16
CA ALA H 48 -47.25 -6.59 12.54
C ALA H 48 -48.51 -7.40 12.30
N ARG H 49 -48.63 -7.97 11.10
CA ARG H 49 -49.76 -8.81 10.75
C ARG H 49 -49.21 -10.23 10.75
N ILE H 50 -49.54 -10.99 11.80
CA ILE H 50 -49.05 -12.36 11.97
C ILE H 50 -50.07 -13.36 11.45
N GLU H 51 -49.65 -14.18 10.49
CA GLU H 51 -50.55 -15.17 9.88
C GLU H 51 -50.01 -16.60 9.98
N GLY H 52 -50.83 -17.48 10.56
CA GLY H 52 -50.45 -18.88 10.73
C GLY H 52 -51.04 -19.80 9.68
N HIS H 53 -50.34 -20.90 9.41
CA HIS H 53 -50.74 -21.85 8.40
C HIS H 53 -50.40 -23.29 8.78
N THR H 54 -50.95 -24.25 8.04
CA THR H 54 -50.67 -25.65 8.27
C THR H 54 -50.50 -26.31 6.91
N ASP H 55 -49.99 -27.53 6.88
CA ASP H 55 -49.90 -28.24 5.60
C ASP H 55 -51.31 -28.83 5.51
N ASN H 56 -51.63 -29.55 4.44
CA ASN H 56 -53.00 -30.06 4.30
C ASN H 56 -53.34 -31.45 4.84
N THR H 57 -52.59 -31.93 5.83
CA THR H 57 -52.87 -33.25 6.41
C THR H 57 -53.71 -33.13 7.68
N GLY H 58 -54.64 -34.07 7.87
CA GLY H 58 -55.47 -34.05 9.06
C GLY H 58 -56.82 -33.38 8.91
N PRO H 59 -57.65 -33.44 9.97
CA PRO H 59 -58.99 -32.84 10.00
C PRO H 59 -58.97 -31.32 9.82
N ARG H 60 -60.01 -30.79 9.20
CA ARG H 60 -60.12 -29.36 8.94
C ARG H 60 -60.06 -28.50 10.20
N LYS H 61 -60.96 -28.78 11.15
CA LYS H 61 -61.03 -27.99 12.38
C LYS H 61 -59.72 -27.99 13.15
N LEU H 62 -59.06 -29.14 13.22
CA LEU H 62 -57.80 -29.25 13.93
C LEU H 62 -56.80 -28.26 13.33
N ASN H 63 -56.82 -28.18 12.01
CA ASN H 63 -55.90 -27.28 11.32
C ASN H 63 -56.28 -25.81 11.38
N GLU H 64 -57.57 -25.50 11.48
CA GLU H 64 -57.98 -24.11 11.61
C GLU H 64 -57.44 -23.65 12.97
N ARG H 65 -57.64 -24.48 13.98
CA ARG H 65 -57.17 -24.17 15.33
C ARG H 65 -55.66 -24.09 15.42
N LEU H 66 -54.99 -25.04 14.78
CA LEU H 66 -53.53 -25.08 14.80
C LEU H 66 -52.90 -23.88 14.10
N SER H 67 -53.45 -23.47 12.95
CA SER H 67 -52.89 -22.32 12.24
C SER H 67 -52.97 -21.08 13.13
N LEU H 68 -54.10 -20.89 13.81
CA LEU H 68 -54.26 -19.72 14.66
C LEU H 68 -53.34 -19.83 15.88
N ALA H 69 -53.22 -21.03 16.44
CA ALA H 69 -52.36 -21.23 17.61
C ALA H 69 -50.93 -20.86 17.26
N ARG H 70 -50.52 -21.20 16.03
CA ARG H 70 -49.16 -20.89 15.59
C ARG H 70 -48.93 -19.39 15.57
N ALA H 71 -49.88 -18.66 14.98
CA ALA H 71 -49.76 -17.21 14.92
C ALA H 71 -49.77 -16.64 16.34
N ASN H 72 -50.67 -17.14 17.17
CA ASN H 72 -50.75 -16.65 18.54
C ASN H 72 -49.48 -16.95 19.35
N SER H 73 -48.79 -18.04 19.01
CA SER H 73 -47.57 -18.39 19.71
C SER H 73 -46.48 -17.36 19.42
N VAL H 74 -46.44 -16.91 18.17
CA VAL H 74 -45.45 -15.90 17.77
C VAL H 74 -45.78 -14.58 18.47
N LYS H 75 -47.05 -14.23 18.53
CA LYS H 75 -47.45 -13.00 19.20
C LYS H 75 -47.07 -13.08 20.68
N SER H 76 -47.38 -14.22 21.31
CA SER H 76 -47.07 -14.39 22.72
C SER H 76 -45.57 -14.25 23.01
N ALA H 77 -44.74 -14.72 22.10
CA ALA H 77 -43.29 -14.62 22.30
C ALA H 77 -42.88 -13.15 22.27
N LEU H 78 -43.38 -12.42 21.29
CA LEU H 78 -43.05 -11.01 21.15
C LEU H 78 -43.49 -10.21 22.37
N VAL H 79 -44.69 -10.50 22.87
CA VAL H 79 -45.22 -9.78 24.01
C VAL H 79 -44.60 -10.18 25.35
N ASN H 80 -44.54 -11.48 25.63
CA ASN H 80 -44.00 -11.95 26.89
C ASN H 80 -42.48 -11.96 27.01
N GLU H 81 -41.81 -12.30 25.92
CA GLU H 81 -40.35 -12.39 25.92
C GLU H 81 -39.61 -11.13 25.49
N TYR H 82 -40.21 -10.35 24.59
CA TYR H 82 -39.55 -9.15 24.09
C TYR H 82 -40.20 -7.81 24.39
N ASN H 83 -41.13 -7.83 25.35
CA ASN H 83 -41.82 -6.61 25.79
C ASN H 83 -42.53 -5.78 24.72
N VAL H 84 -43.03 -6.44 23.68
CA VAL H 84 -43.73 -5.73 22.62
C VAL H 84 -45.18 -5.49 23.00
N ASP H 85 -45.70 -4.31 22.65
CA ASP H 85 -47.07 -3.91 22.91
C ASP H 85 -47.99 -4.83 22.11
N ALA H 86 -48.79 -5.63 22.81
CA ALA H 86 -49.70 -6.57 22.16
C ALA H 86 -50.67 -5.94 21.17
N SER H 87 -51.06 -4.70 21.42
CA SER H 87 -52.01 -4.02 20.55
C SER H 87 -51.44 -3.70 19.17
N ARG H 88 -50.13 -3.87 18.99
CA ARG H 88 -49.49 -3.59 17.72
C ARG H 88 -49.44 -4.85 16.86
N LEU H 89 -49.91 -5.96 17.40
CA LEU H 89 -49.86 -7.24 16.71
C LEU H 89 -51.21 -7.91 16.47
N SER H 90 -51.46 -8.31 15.23
CA SER H 90 -52.70 -9.00 14.90
C SER H 90 -52.37 -10.45 14.55
N THR H 91 -53.31 -11.35 14.78
CA THR H 91 -53.10 -12.75 14.46
C THR H 91 -54.30 -13.32 13.72
N GLN H 92 -54.02 -14.25 12.82
CA GLN H 92 -55.07 -14.92 12.05
C GLN H 92 -54.51 -16.23 11.53
N GLY H 93 -55.36 -17.25 11.48
CA GLY H 93 -54.94 -18.54 10.97
C GLY H 93 -55.66 -18.80 9.66
N PHE H 94 -55.00 -19.45 8.73
CA PHE H 94 -55.58 -19.74 7.42
C PHE H 94 -55.63 -21.23 7.13
N ALA H 95 -55.47 -22.05 8.15
CA ALA H 95 -55.47 -23.50 7.96
C ALA H 95 -54.49 -23.81 6.81
N TRP H 96 -54.91 -24.65 5.88
CA TRP H 96 -54.07 -25.04 4.75
C TRP H 96 -54.47 -24.33 3.45
N ASP H 97 -55.24 -23.26 3.58
CA ASP H 97 -55.74 -22.54 2.40
C ASP H 97 -54.74 -21.72 1.59
N GLN H 98 -53.61 -21.39 2.18
CA GLN H 98 -52.63 -20.59 1.46
C GLN H 98 -51.25 -21.23 1.45
N PRO H 99 -51.09 -22.32 0.69
CA PRO H 99 -49.81 -22.99 0.63
C PRO H 99 -48.78 -22.16 -0.15
N ILE H 100 -47.51 -22.29 0.22
CA ILE H 100 -46.46 -21.58 -0.48
C ILE H 100 -45.59 -22.64 -1.13
N ALA H 101 -45.96 -23.89 -0.91
CA ALA H 101 -45.25 -25.03 -1.46
C ALA H 101 -46.21 -26.18 -1.69
N ASP H 102 -45.76 -27.18 -2.43
CA ASP H 102 -46.57 -28.37 -2.74
C ASP H 102 -46.70 -29.32 -1.55
N ASN H 103 -47.94 -29.66 -1.19
CA ASN H 103 -48.19 -30.57 -0.08
C ASN H 103 -47.88 -32.02 -0.45
N LYS H 104 -47.69 -32.28 -1.73
CA LYS H 104 -47.41 -33.63 -2.21
C LYS H 104 -46.06 -34.19 -1.75
N THR H 105 -45.19 -33.32 -1.26
CA THR H 105 -43.88 -33.76 -0.80
C THR H 105 -43.69 -33.40 0.67
N LYS H 106 -42.77 -34.08 1.34
CA LYS H 106 -42.50 -33.82 2.74
C LYS H 106 -41.88 -32.43 2.89
N GLU H 107 -41.01 -32.07 1.95
CA GLU H 107 -40.35 -30.78 1.97
C GLU H 107 -41.36 -29.65 1.81
N GLY H 108 -42.35 -29.86 0.95
CA GLY H 108 -43.36 -28.85 0.73
C GLY H 108 -44.26 -28.65 1.93
N ARG H 109 -44.65 -29.76 2.56
CA ARG H 109 -45.51 -29.68 3.73
C ARG H 109 -44.78 -28.95 4.87
N ALA H 110 -43.48 -29.20 5.00
CA ALA H 110 -42.69 -28.54 6.04
C ALA H 110 -42.72 -27.03 5.81
N MET H 111 -42.63 -26.62 4.56
CA MET H 111 -42.65 -25.20 4.21
C MET H 111 -44.01 -24.58 4.53
N ASN H 112 -45.06 -25.37 4.41
CA ASN H 112 -46.41 -24.87 4.68
C ASN H 112 -46.77 -24.73 6.16
N ARG H 113 -46.07 -25.47 7.02
CA ARG H 113 -46.33 -25.38 8.46
C ARG H 113 -45.53 -24.16 8.87
N ARG H 114 -46.16 -22.99 8.81
CA ARG H 114 -45.44 -21.76 9.08
C ARG H 114 -46.29 -20.62 9.62
N VAL H 115 -45.58 -19.58 10.02
CA VAL H 115 -46.19 -18.33 10.44
C VAL H 115 -45.38 -17.30 9.67
N PHE H 116 -46.09 -16.45 8.93
CA PHE H 116 -45.42 -15.39 8.19
C PHE H 116 -45.97 -14.12 8.79
N ALA H 117 -45.06 -13.25 9.23
CA ALA H 117 -45.46 -11.99 9.84
C ALA H 117 -44.95 -10.84 8.97
N THR H 118 -45.84 -9.91 8.68
CA THR H 118 -45.49 -8.74 7.88
C THR H 118 -45.46 -7.52 8.79
N ILE H 119 -44.31 -6.86 8.83
CA ILE H 119 -44.15 -5.68 9.67
C ILE H 119 -43.96 -4.45 8.79
N THR H 120 -44.73 -3.41 9.07
CA THR H 120 -44.65 -2.16 8.30
C THR H 120 -44.71 -0.98 9.25
N GLY H 121 -43.90 0.04 8.96
CA GLY H 121 -43.90 1.24 9.78
C GLY H 121 -43.12 2.34 9.10
N SER H 122 -43.15 3.54 9.68
CA SER H 122 -42.43 4.67 9.11
C SER H 122 -42.09 5.68 10.19
N ARG H 123 -41.05 6.48 9.96
CA ARG H 123 -40.65 7.50 10.92
C ARG H 123 -40.01 8.67 10.19
#